data_8XUJ
#
_entry.id   8XUJ
#
_cell.length_a   110.502
_cell.length_b   114.908
_cell.length_c   78.885
_cell.angle_alpha   90.000
_cell.angle_beta   90.000
_cell.angle_gamma   90.000
#
_symmetry.space_group_name_H-M   'P 21 21 2'
#
loop_
_entity.id
_entity.type
_entity.pdbx_description
1 polymer 'Membrane protein'
2 water water
#
_entity_poly.entity_id   1
_entity_poly.type   'polypeptide(L)'
_entity_poly.pdbx_seq_one_letter_code
;MNHKVHHHHHHLEGRHMELGTLESAVTLDKLEVRDQFYPADFREELQTNLNFFLDGKGVDADTLVPYDTIWVKDNKAEYA
YYTNTTEIALYLNILVEAEKAGNQKALTRIQEVLTTLEEAPKFKGLFYWPYDIKGGELKPGKGEIAPAVDNGNLAFSLAA
VAGAYLNSTDPVKQSIISRIDQMLKAQIPGWLSLYDKDRGLLWGGWQNGELIEYHVDRKANESRLAALWAPLITKHLGAE
AIPASVFNDMETYTVSYRLDGKNYTPILTWDGAYFQALLPAIWLNEKELVPDYSMFEDTTQLQRIYSKRNNMPMVSSSAT
VNDEYRPFGIPHLSEAWVRYDDKIAGGSTGTPHATALSYMVDPEGAVKSLKSIKALYPAIETSYGWYDAVDSKGRMSTKI
LSLDQGMFVGAFLAESINADVERYLRARGYWDDVKSMYLSFKDDRAK
;
_entity_poly.pdbx_strand_id   A,B
#
# COMPACT_ATOMS: atom_id res chain seq x y z
N THR A 21 9.70 -28.50 -20.27
CA THR A 21 8.28 -28.95 -20.27
C THR A 21 8.00 -29.82 -19.04
N LEU A 22 8.87 -30.81 -18.75
CA LEU A 22 8.72 -31.61 -17.54
C LEU A 22 9.19 -30.79 -16.35
N GLU A 23 8.27 -30.56 -15.40
CA GLU A 23 8.50 -29.75 -14.21
C GLU A 23 8.05 -30.52 -12.97
N SER A 24 8.63 -30.17 -11.82
CA SER A 24 8.13 -30.62 -10.53
C SER A 24 6.77 -29.99 -10.26
N ALA A 25 5.87 -30.74 -9.63
CA ALA A 25 4.55 -30.26 -9.28
C ALA A 25 4.52 -29.82 -7.82
N VAL A 26 4.55 -28.51 -7.57
CA VAL A 26 4.61 -28.00 -6.21
C VAL A 26 3.28 -28.25 -5.50
N THR A 27 3.34 -28.42 -4.18
CA THR A 27 2.12 -28.53 -3.39
C THR A 27 2.09 -27.33 -2.44
N LEU A 28 1.13 -26.42 -2.69
CA LEU A 28 0.80 -25.35 -1.76
C LEU A 28 0.03 -25.94 -0.58
N ASP A 29 0.76 -26.40 0.44
CA ASP A 29 0.14 -26.92 1.65
C ASP A 29 0.29 -25.90 2.78
N LYS A 30 0.73 -24.68 2.45
CA LYS A 30 0.66 -23.53 3.34
C LYS A 30 0.47 -22.25 2.50
N LEU A 31 -0.44 -21.39 2.99
CA LEU A 31 -0.85 -20.18 2.28
C LEU A 31 -1.07 -19.04 3.29
N GLU A 32 -0.23 -18.02 3.20
CA GLU A 32 -0.21 -16.92 4.15
C GLU A 32 0.11 -15.61 3.44
N VAL A 33 -0.61 -14.54 3.80
CA VAL A 33 -0.34 -13.22 3.24
C VAL A 33 0.58 -12.45 4.20
N ARG A 34 0.85 -11.16 3.92
CA ARG A 34 1.64 -10.31 4.82
C ARG A 34 0.85 -10.03 6.08
N ASP A 35 1.59 -9.66 7.13
CA ASP A 35 1.07 -9.56 8.48
C ASP A 35 0.06 -8.41 8.59
N GLN A 36 0.25 -7.37 7.78
CA GLN A 36 -0.57 -6.16 7.85
C GLN A 36 -2.05 -6.44 7.57
N PHE A 37 -2.36 -7.56 6.88
CA PHE A 37 -3.74 -7.86 6.52
C PHE A 37 -4.49 -8.58 7.64
N TYR A 38 -3.77 -9.14 8.64
CA TYR A 38 -4.42 -9.89 9.70
C TYR A 38 -4.76 -8.94 10.84
N PRO A 39 -6.02 -8.60 11.14
CA PRO A 39 -6.31 -7.77 12.30
C PRO A 39 -5.73 -8.53 13.49
N ALA A 40 -5.22 -7.78 14.47
CA ALA A 40 -4.86 -8.36 15.76
C ALA A 40 -6.05 -9.13 16.31
N ASP A 41 -7.23 -8.56 16.15
CA ASP A 41 -8.50 -9.07 16.66
C ASP A 41 -8.85 -10.44 16.04
N PHE A 42 -8.32 -10.77 14.85
CA PHE A 42 -9.02 -11.69 13.94
C PHE A 42 -8.07 -12.53 13.09
N ARG A 43 -6.79 -12.57 13.48
CA ARG A 43 -5.78 -13.29 12.71
C ARG A 43 -6.21 -14.72 12.40
N GLU A 44 -6.38 -15.56 13.43
CA GLU A 44 -6.62 -16.98 13.20
C GLU A 44 -7.78 -17.16 12.22
N GLU A 45 -8.86 -16.36 12.40
CA GLU A 45 -10.13 -16.59 11.71
C GLU A 45 -9.99 -16.31 10.21
N LEU A 46 -9.12 -15.35 9.86
CA LEU A 46 -8.79 -15.05 8.47
C LEU A 46 -7.94 -16.17 7.86
N GLN A 47 -7.01 -16.69 8.64
CA GLN A 47 -6.19 -17.80 8.18
C GLN A 47 -7.08 -19.00 7.84
N THR A 48 -7.96 -19.37 8.77
CA THR A 48 -8.90 -20.48 8.58
C THR A 48 -9.63 -20.34 7.25
N ASN A 49 -10.16 -19.16 6.96
CA ASN A 49 -10.92 -18.91 5.74
C ASN A 49 -9.99 -18.87 4.53
N LEU A 50 -8.79 -18.31 4.72
CA LEU A 50 -7.78 -18.35 3.68
C LEU A 50 -7.36 -19.78 3.35
N ASN A 51 -7.33 -20.67 4.35
CA ASN A 51 -6.86 -22.05 4.18
C ASN A 51 -7.71 -22.80 3.17
N PHE A 52 -8.94 -22.34 2.92
CA PHE A 52 -9.79 -22.92 1.91
C PHE A 52 -8.98 -23.20 0.65
N PHE A 53 -8.11 -22.25 0.28
CA PHE A 53 -7.38 -22.29 -0.99
C PHE A 53 -6.10 -23.13 -0.92
N LEU A 54 -5.91 -23.92 0.15
CA LEU A 54 -4.79 -24.86 0.20
C LEU A 54 -5.03 -25.99 -0.81
N ASP A 55 -3.96 -26.46 -1.47
CA ASP A 55 -4.03 -27.66 -2.29
C ASP A 55 -4.64 -28.79 -1.49
N GLY A 56 -5.65 -29.47 -2.06
CA GLY A 56 -6.25 -30.64 -1.43
C GLY A 56 -7.43 -30.31 -0.53
N LYS A 57 -7.63 -29.02 -0.20
CA LYS A 57 -8.81 -28.57 0.50
C LYS A 57 -9.83 -28.06 -0.51
N GLY A 58 -9.66 -26.83 -1.01
CA GLY A 58 -10.65 -26.22 -1.89
C GLY A 58 -10.13 -26.07 -3.32
N VAL A 59 -8.90 -26.52 -3.55
CA VAL A 59 -8.24 -26.35 -4.84
C VAL A 59 -7.95 -27.71 -5.46
N ASP A 60 -8.31 -27.82 -6.74
CA ASP A 60 -8.25 -29.05 -7.49
C ASP A 60 -6.81 -29.33 -7.94
N ALA A 61 -6.32 -30.54 -7.63
CA ALA A 61 -4.94 -30.95 -7.90
C ALA A 61 -4.64 -31.03 -9.39
N ASP A 62 -5.61 -31.45 -10.20
CA ASP A 62 -5.36 -31.70 -11.61
C ASP A 62 -5.40 -30.40 -12.42
N THR A 63 -6.40 -29.53 -12.18
CA THR A 63 -6.53 -28.30 -12.96
C THR A 63 -5.93 -27.09 -12.23
N LEU A 64 -5.78 -27.18 -10.91
CA LEU A 64 -5.13 -26.14 -10.12
C LEU A 64 -5.99 -24.88 -10.17
N VAL A 65 -7.32 -25.09 -10.13
CA VAL A 65 -8.30 -24.04 -9.89
C VAL A 65 -9.15 -24.43 -8.68
N PRO A 66 -9.80 -23.47 -7.98
CA PRO A 66 -10.68 -23.82 -6.87
C PRO A 66 -11.96 -24.47 -7.41
N TYR A 67 -12.48 -25.43 -6.63
CA TYR A 67 -13.80 -25.99 -6.83
C TYR A 67 -14.82 -24.90 -6.58
N ASP A 68 -15.94 -24.97 -7.30
CA ASP A 68 -16.99 -23.99 -7.12
C ASP A 68 -17.59 -24.16 -5.73
N THR A 69 -17.94 -25.41 -5.39
CA THR A 69 -18.60 -25.72 -4.13
C THR A 69 -17.91 -26.91 -3.46
N ILE A 70 -17.84 -26.85 -2.13
CA ILE A 70 -17.42 -27.94 -1.26
C ILE A 70 -18.62 -28.27 -0.39
N TRP A 71 -18.66 -29.51 0.12
CA TRP A 71 -19.44 -29.89 1.30
C TRP A 71 -18.53 -30.47 2.39
N VAL A 72 -18.67 -30.01 3.64
CA VAL A 72 -17.79 -30.43 4.73
C VAL A 72 -18.64 -30.87 5.92
N LYS A 73 -18.37 -32.08 6.43
CA LYS A 73 -19.20 -32.71 7.44
C LYS A 73 -18.44 -32.83 8.77
N ASP A 74 -17.20 -33.33 8.71
CA ASP A 74 -16.29 -33.34 9.85
C ASP A 74 -14.85 -33.30 9.33
N ASN A 75 -14.42 -32.12 8.88
CA ASN A 75 -13.17 -31.93 8.16
C ASN A 75 -12.95 -33.01 7.10
N LYS A 76 -14.05 -33.44 6.46
CA LYS A 76 -13.99 -34.25 5.24
C LYS A 76 -14.84 -33.57 4.19
N ALA A 77 -14.35 -33.53 2.94
CA ALA A 77 -14.88 -32.63 1.94
C ALA A 77 -15.41 -33.38 0.73
N GLU A 78 -16.62 -33.03 0.28
CA GLU A 78 -17.14 -33.43 -1.02
C GLU A 78 -17.01 -32.26 -1.99
N TYR A 79 -16.93 -32.52 -3.30
CA TYR A 79 -16.55 -31.48 -4.25
C TYR A 79 -17.43 -31.49 -5.49
N ALA A 80 -17.93 -30.29 -5.84
CA ALA A 80 -18.54 -30.05 -7.13
C ALA A 80 -17.45 -29.71 -8.15
N TYR A 81 -17.37 -30.50 -9.22
CA TYR A 81 -16.27 -30.41 -10.15
C TYR A 81 -16.57 -29.34 -11.21
N TYR A 82 -16.76 -28.11 -10.74
CA TYR A 82 -16.91 -26.96 -11.64
C TYR A 82 -16.03 -25.81 -11.12
N THR A 83 -15.84 -24.79 -11.98
CA THR A 83 -15.18 -23.55 -11.58
C THR A 83 -15.68 -22.44 -12.50
N ASN A 84 -15.44 -21.17 -12.15
CA ASN A 84 -15.60 -20.06 -13.08
C ASN A 84 -14.38 -19.15 -12.99
N THR A 85 -14.28 -18.13 -13.87
CA THR A 85 -13.12 -17.26 -13.93
C THR A 85 -13.17 -16.14 -12.89
N THR A 86 -14.26 -16.00 -12.15
CA THR A 86 -14.27 -15.03 -11.06
C THR A 86 -13.60 -15.67 -9.85
N GLU A 87 -13.80 -16.96 -9.65
CA GLU A 87 -13.16 -17.68 -8.55
C GLU A 87 -11.64 -17.75 -8.80
N ILE A 88 -11.27 -17.79 -10.09
CA ILE A 88 -9.87 -17.95 -10.48
C ILE A 88 -9.16 -16.62 -10.33
N ALA A 89 -9.85 -15.50 -10.63
CA ALA A 89 -9.28 -14.18 -10.45
C ALA A 89 -8.85 -13.97 -9.00
N LEU A 90 -9.80 -14.19 -8.08
CA LEU A 90 -9.57 -14.00 -6.66
C LEU A 90 -8.42 -14.89 -6.22
N TYR A 91 -8.42 -16.16 -6.68
CA TYR A 91 -7.35 -17.11 -6.34
C TYR A 91 -5.99 -16.52 -6.73
N LEU A 92 -5.93 -15.93 -7.93
CA LEU A 92 -4.74 -15.33 -8.50
C LEU A 92 -4.25 -14.20 -7.60
N ASN A 93 -5.12 -13.20 -7.34
CA ASN A 93 -4.74 -12.07 -6.52
C ASN A 93 -4.23 -12.55 -5.15
N ILE A 94 -4.89 -13.55 -4.53
CA ILE A 94 -4.45 -14.09 -3.25
C ILE A 94 -3.05 -14.68 -3.42
N LEU A 95 -2.83 -15.46 -4.49
CA LEU A 95 -1.52 -16.01 -4.73
C LEU A 95 -0.47 -14.88 -4.73
N VAL A 96 -0.76 -13.81 -5.47
CA VAL A 96 0.13 -12.68 -5.54
C VAL A 96 0.50 -12.25 -4.11
N GLU A 97 -0.49 -12.16 -3.23
CA GLU A 97 -0.28 -11.67 -1.87
C GLU A 97 0.56 -12.67 -1.07
N ALA A 98 0.44 -13.97 -1.38
CA ALA A 98 1.27 -14.97 -0.73
C ALA A 98 2.72 -14.88 -1.21
N GLU A 99 2.88 -14.53 -2.49
CA GLU A 99 4.17 -14.31 -3.13
C GLU A 99 4.89 -13.14 -2.48
N LYS A 100 4.11 -12.10 -2.17
CA LYS A 100 4.64 -10.94 -1.50
C LYS A 100 5.03 -11.32 -0.07
N ALA A 101 4.29 -12.23 0.58
CA ALA A 101 4.65 -12.73 1.91
C ALA A 101 5.92 -13.58 1.87
N GLY A 102 6.40 -13.93 0.66
CA GLY A 102 7.67 -14.63 0.47
C GLY A 102 7.51 -16.09 0.02
N ASN A 103 6.29 -16.51 -0.36
CA ASN A 103 6.04 -17.87 -0.77
C ASN A 103 6.45 -18.04 -2.22
N GLN A 104 7.58 -18.69 -2.47
CA GLN A 104 8.08 -18.91 -3.82
C GLN A 104 7.20 -19.91 -4.57
N LYS A 105 6.53 -20.82 -3.84
CA LYS A 105 5.66 -21.78 -4.51
C LYS A 105 4.53 -21.05 -5.23
N ALA A 106 4.04 -19.94 -4.64
CA ALA A 106 2.90 -19.22 -5.19
C ALA A 106 3.24 -18.64 -6.56
N LEU A 107 4.49 -18.22 -6.77
CA LEU A 107 4.89 -17.61 -8.03
C LEU A 107 4.90 -18.64 -9.16
N THR A 108 5.22 -19.90 -8.80
CA THR A 108 5.16 -21.01 -9.74
C THR A 108 3.69 -21.22 -10.11
N ARG A 109 2.82 -21.24 -9.08
CA ARG A 109 1.42 -21.53 -9.25
C ARG A 109 0.74 -20.49 -10.14
N ILE A 110 1.06 -19.22 -9.94
CA ILE A 110 0.56 -18.11 -10.74
C ILE A 110 0.83 -18.37 -12.21
N GLN A 111 1.94 -19.04 -12.53
CA GLN A 111 2.31 -19.31 -13.92
C GLN A 111 1.54 -20.52 -14.45
N GLU A 112 1.38 -21.55 -13.59
CA GLU A 112 0.59 -22.73 -13.93
C GLU A 112 -0.85 -22.25 -14.21
N VAL A 113 -1.36 -21.33 -13.37
CA VAL A 113 -2.74 -20.89 -13.48
C VAL A 113 -2.92 -20.13 -14.79
N LEU A 114 -1.97 -19.29 -15.18
CA LEU A 114 -2.07 -18.55 -16.44
C LEU A 114 -2.08 -19.50 -17.63
N THR A 115 -1.38 -20.63 -17.50
CA THR A 115 -1.27 -21.60 -18.58
C THR A 115 -2.68 -22.19 -18.79
N THR A 116 -3.25 -22.74 -17.72
CA THR A 116 -4.63 -23.21 -17.71
C THR A 116 -5.51 -22.26 -18.52
N LEU A 117 -5.48 -20.98 -18.15
CA LEU A 117 -6.39 -19.96 -18.68
C LEU A 117 -6.15 -19.80 -20.18
N GLU A 118 -4.86 -19.83 -20.57
CA GLU A 118 -4.45 -19.75 -21.96
C GLU A 118 -4.96 -20.96 -22.73
N GLU A 119 -5.11 -22.10 -22.03
CA GLU A 119 -5.51 -23.35 -22.65
C GLU A 119 -7.03 -23.45 -22.74
N ALA A 120 -7.74 -22.72 -21.88
CA ALA A 120 -9.19 -22.81 -21.80
C ALA A 120 -9.82 -22.39 -23.12
N PRO A 121 -10.76 -23.19 -23.68
CA PRO A 121 -11.50 -22.77 -24.86
C PRO A 121 -12.18 -21.45 -24.55
N LYS A 122 -12.27 -20.59 -25.58
CA LYS A 122 -12.77 -19.23 -25.47
C LYS A 122 -13.71 -18.95 -26.64
N PHE A 123 -14.34 -17.78 -26.65
CA PHE A 123 -15.17 -17.35 -27.76
C PHE A 123 -14.88 -15.89 -28.09
N LYS A 124 -14.25 -15.67 -29.24
CA LYS A 124 -13.73 -14.37 -29.62
C LYS A 124 -12.91 -13.79 -28.45
N GLY A 125 -12.18 -14.65 -27.74
CA GLY A 125 -11.25 -14.19 -26.72
C GLY A 125 -11.82 -14.23 -25.29
N LEU A 126 -13.15 -14.38 -25.18
CA LEU A 126 -13.82 -14.30 -23.89
C LEU A 126 -13.95 -15.68 -23.27
N PHE A 127 -13.91 -15.72 -21.93
CA PHE A 127 -13.95 -16.95 -21.18
C PHE A 127 -15.40 -17.43 -21.06
N TYR A 128 -15.57 -18.73 -20.82
CA TYR A 128 -16.88 -19.33 -20.64
C TYR A 128 -17.23 -19.34 -19.15
N TRP A 129 -18.53 -19.53 -18.92
CA TRP A 129 -19.15 -19.72 -17.63
C TRP A 129 -20.11 -20.90 -17.77
N PRO A 130 -20.12 -21.89 -16.85
CA PRO A 130 -18.96 -22.18 -16.00
C PRO A 130 -17.92 -22.98 -16.80
N TYR A 131 -16.86 -23.43 -16.14
CA TYR A 131 -15.97 -24.44 -16.68
C TYR A 131 -16.17 -25.70 -15.85
N ASP A 132 -16.49 -26.77 -16.57
CA ASP A 132 -16.57 -28.10 -16.01
C ASP A 132 -15.13 -28.58 -15.84
N ILE A 133 -14.87 -29.25 -14.71
CA ILE A 133 -13.51 -29.59 -14.33
C ILE A 133 -13.35 -31.11 -14.14
N LYS A 134 -14.33 -31.90 -14.60
CA LYS A 134 -14.38 -33.33 -14.26
C LYS A 134 -13.18 -34.07 -14.86
N GLY A 135 -12.80 -33.70 -16.10
CA GLY A 135 -11.82 -34.44 -16.87
C GLY A 135 -10.36 -34.27 -16.41
N GLY A 136 -10.07 -33.18 -15.69
CA GLY A 136 -8.70 -32.77 -15.44
C GLY A 136 -8.30 -31.70 -16.46
N GLU A 137 -9.30 -31.13 -17.14
CA GLU A 137 -9.12 -29.95 -17.98
C GLU A 137 -10.42 -29.13 -17.98
N LEU A 138 -10.30 -27.85 -18.37
CA LEU A 138 -11.42 -26.94 -18.41
C LEU A 138 -12.27 -27.23 -19.65
N LYS A 139 -13.49 -27.77 -19.43
CA LYS A 139 -14.49 -27.84 -20.48
C LYS A 139 -15.50 -26.73 -20.24
N PRO A 140 -15.89 -25.95 -21.27
CA PRO A 140 -17.04 -25.04 -21.17
C PRO A 140 -18.32 -25.79 -20.79
N GLY A 141 -19.12 -25.17 -19.91
CA GLY A 141 -20.40 -25.73 -19.51
C GLY A 141 -21.31 -25.87 -20.73
N LYS A 142 -22.35 -26.71 -20.59
CA LYS A 142 -23.12 -27.17 -21.73
C LYS A 142 -23.75 -25.98 -22.46
N GLY A 143 -23.97 -24.88 -21.73
CA GLY A 143 -24.60 -23.70 -22.30
C GLY A 143 -23.76 -23.00 -23.37
N GLU A 144 -22.43 -23.19 -23.35
CA GLU A 144 -21.53 -22.37 -24.15
C GLU A 144 -21.80 -20.89 -23.88
N ILE A 145 -21.78 -20.51 -22.59
CA ILE A 145 -22.12 -19.16 -22.17
C ILE A 145 -20.83 -18.36 -21.98
N ALA A 146 -20.79 -17.13 -22.52
CA ALA A 146 -19.59 -16.30 -22.48
C ALA A 146 -19.92 -14.94 -21.87
N PRO A 147 -20.05 -14.84 -20.54
CA PRO A 147 -20.54 -13.59 -19.94
C PRO A 147 -19.58 -12.41 -19.82
N ALA A 148 -20.10 -11.20 -20.06
CA ALA A 148 -19.34 -9.98 -19.81
C ALA A 148 -18.89 -9.89 -18.34
N VAL A 149 -19.72 -10.36 -17.41
CA VAL A 149 -19.44 -10.15 -16.00
C VAL A 149 -18.13 -10.85 -15.62
N ASP A 150 -17.98 -12.14 -15.93
CA ASP A 150 -16.80 -12.90 -15.51
C ASP A 150 -15.53 -12.37 -16.18
N ASN A 151 -15.64 -11.92 -17.42
CA ASN A 151 -14.52 -11.38 -18.20
C ASN A 151 -14.15 -9.97 -17.73
N GLY A 152 -15.13 -9.20 -17.25
CA GLY A 152 -14.84 -7.93 -16.62
C GLY A 152 -14.04 -8.17 -15.33
N ASN A 153 -14.58 -9.04 -14.49
CA ASN A 153 -13.95 -9.32 -13.21
C ASN A 153 -12.49 -9.73 -13.43
N LEU A 154 -12.26 -10.69 -14.33
CA LEU A 154 -10.95 -11.27 -14.53
C LEU A 154 -10.02 -10.23 -15.18
N ALA A 155 -10.57 -9.29 -15.95
CA ALA A 155 -9.73 -8.29 -16.57
C ALA A 155 -8.99 -7.50 -15.49
N PHE A 156 -9.69 -7.18 -14.40
CA PHE A 156 -9.14 -6.34 -13.36
C PHE A 156 -8.20 -7.13 -12.47
N SER A 157 -8.58 -8.38 -12.17
CA SER A 157 -7.70 -9.31 -11.49
C SER A 157 -6.32 -9.31 -12.13
N LEU A 158 -6.27 -9.45 -13.46
CA LEU A 158 -5.01 -9.61 -14.16
C LEU A 158 -4.25 -8.29 -14.20
N ALA A 159 -5.00 -7.19 -14.26
CA ALA A 159 -4.46 -5.86 -14.03
C ALA A 159 -3.71 -5.80 -12.70
N ALA A 160 -4.37 -6.25 -11.62
CA ALA A 160 -3.79 -6.18 -10.29
C ALA A 160 -2.54 -7.06 -10.21
N VAL A 161 -2.58 -8.22 -10.89
CA VAL A 161 -1.47 -9.15 -10.90
C VAL A 161 -0.30 -8.49 -11.64
N ALA A 162 -0.56 -7.93 -12.83
CA ALA A 162 0.41 -7.17 -13.59
C ALA A 162 0.81 -5.90 -12.84
N GLY A 163 -0.17 -5.27 -12.20
CA GLY A 163 0.07 -4.09 -11.39
C GLY A 163 1.13 -4.33 -10.32
N ALA A 164 1.30 -5.60 -9.91
CA ALA A 164 2.12 -5.94 -8.75
C ALA A 164 3.56 -6.25 -9.13
N TYR A 165 3.84 -6.41 -10.44
CA TYR A 165 5.13 -6.89 -10.92
C TYR A 165 5.72 -5.95 -11.97
N LEU A 166 4.96 -4.97 -12.45
CA LEU A 166 5.41 -4.03 -13.47
C LEU A 166 6.74 -3.35 -13.12
N ASN A 167 7.12 -3.34 -11.84
CA ASN A 167 8.35 -2.67 -11.44
C ASN A 167 9.48 -3.69 -11.32
N SER A 168 9.21 -4.97 -11.55
CA SER A 168 10.19 -6.02 -11.34
C SER A 168 11.09 -6.16 -12.56
N THR A 169 12.40 -6.30 -12.30
CA THR A 169 13.37 -6.58 -13.35
C THR A 169 13.64 -8.10 -13.39
N ASP A 170 13.08 -8.86 -12.44
CA ASP A 170 13.04 -10.32 -12.49
C ASP A 170 12.39 -10.78 -13.80
N PRO A 171 13.09 -11.58 -14.65
CA PRO A 171 12.60 -11.88 -15.99
C PRO A 171 11.37 -12.79 -15.98
N VAL A 172 11.23 -13.57 -14.90
CA VAL A 172 10.04 -14.38 -14.72
C VAL A 172 8.83 -13.46 -14.57
N LYS A 173 8.97 -12.41 -13.77
CA LYS A 173 7.87 -11.49 -13.56
C LYS A 173 7.59 -10.72 -14.85
N GLN A 174 8.65 -10.28 -15.55
CA GLN A 174 8.47 -9.68 -16.86
C GLN A 174 7.62 -10.57 -17.76
N SER A 175 7.91 -11.89 -17.74
CA SER A 175 7.20 -12.89 -18.52
C SER A 175 5.70 -12.83 -18.22
N ILE A 176 5.34 -12.95 -16.93
CA ILE A 176 3.95 -12.88 -16.50
C ILE A 176 3.30 -11.64 -17.09
N ILE A 177 4.00 -10.49 -17.02
CA ILE A 177 3.49 -9.22 -17.52
C ILE A 177 3.07 -9.37 -18.98
N SER A 178 3.98 -9.85 -19.81
CA SER A 178 3.74 -9.91 -21.25
C SER A 178 2.60 -10.90 -21.54
N ARG A 179 2.51 -11.98 -20.77
CA ARG A 179 1.48 -13.00 -20.96
C ARG A 179 0.10 -12.42 -20.66
N ILE A 180 0.02 -11.54 -19.64
CA ILE A 180 -1.25 -10.96 -19.27
C ILE A 180 -1.70 -9.95 -20.31
N ASP A 181 -0.76 -9.14 -20.84
CA ASP A 181 -1.07 -8.18 -21.90
C ASP A 181 -1.57 -8.87 -23.16
N GLN A 182 -0.93 -9.97 -23.52
CA GLN A 182 -1.37 -10.80 -24.65
C GLN A 182 -2.82 -11.25 -24.46
N MET A 183 -3.10 -11.82 -23.29
CA MET A 183 -4.36 -12.50 -23.03
C MET A 183 -5.52 -11.50 -23.04
N LEU A 184 -5.27 -10.29 -22.51
CA LEU A 184 -6.25 -9.21 -22.56
C LEU A 184 -6.41 -8.67 -23.99
N LYS A 185 -5.31 -8.54 -24.74
CA LYS A 185 -5.36 -8.08 -26.12
C LYS A 185 -6.27 -8.97 -26.95
N ALA A 186 -6.19 -10.29 -26.70
CA ALA A 186 -6.95 -11.29 -27.42
C ALA A 186 -8.46 -11.12 -27.24
N GLN A 187 -8.88 -10.49 -26.13
CA GLN A 187 -10.29 -10.29 -25.84
C GLN A 187 -10.92 -9.15 -26.64
N ILE A 188 -10.12 -8.44 -27.45
CA ILE A 188 -10.60 -7.31 -28.24
C ILE A 188 -11.82 -7.70 -29.09
N PRO A 189 -11.77 -8.81 -29.88
CA PRO A 189 -12.92 -9.22 -30.68
C PRO A 189 -14.18 -9.40 -29.81
N GLY A 190 -14.06 -10.19 -28.75
CA GLY A 190 -15.12 -10.35 -27.76
C GLY A 190 -15.73 -9.02 -27.36
N TRP A 191 -14.91 -8.07 -26.88
CA TRP A 191 -15.45 -6.85 -26.34
C TRP A 191 -16.14 -6.07 -27.46
N LEU A 192 -15.54 -6.05 -28.66
CA LEU A 192 -16.14 -5.34 -29.78
C LEU A 192 -17.47 -6.02 -30.14
N SER A 193 -17.43 -7.35 -30.20
CA SER A 193 -18.61 -8.18 -30.35
C SER A 193 -19.79 -7.66 -29.52
N LEU A 194 -19.51 -7.22 -28.28
CA LEU A 194 -20.54 -7.06 -27.27
C LEU A 194 -21.10 -5.64 -27.26
N TYR A 195 -20.59 -4.77 -28.13
CA TYR A 195 -20.97 -3.37 -28.11
C TYR A 195 -22.13 -3.09 -29.05
N ASP A 196 -23.33 -2.96 -28.47
CA ASP A 196 -24.52 -2.52 -29.17
C ASP A 196 -24.42 -1.01 -29.46
N LYS A 197 -24.33 -0.65 -30.75
CA LYS A 197 -24.17 0.73 -31.16
C LYS A 197 -25.47 1.51 -31.06
N ASP A 198 -26.62 0.82 -30.97
CA ASP A 198 -27.91 1.47 -30.89
C ASP A 198 -28.23 1.83 -29.44
N ARG A 199 -28.26 0.84 -28.54
CA ARG A 199 -28.58 1.09 -27.15
C ARG A 199 -27.43 1.82 -26.45
N GLY A 200 -26.21 1.62 -26.94
CA GLY A 200 -25.04 2.30 -26.36
C GLY A 200 -24.64 1.69 -25.02
N LEU A 201 -24.93 0.40 -24.84
CA LEU A 201 -24.46 -0.38 -23.70
C LEU A 201 -23.86 -1.68 -24.22
N LEU A 202 -23.22 -2.45 -23.34
CA LEU A 202 -22.75 -3.79 -23.65
C LEU A 202 -23.93 -4.74 -23.55
N TRP A 203 -24.02 -5.65 -24.52
CA TRP A 203 -24.88 -6.80 -24.32
C TRP A 203 -24.29 -7.53 -23.12
N GLY A 204 -25.10 -8.40 -22.50
CA GLY A 204 -24.67 -9.16 -21.32
C GLY A 204 -23.69 -10.27 -21.66
N GLY A 205 -23.62 -10.68 -22.95
CA GLY A 205 -22.70 -11.73 -23.36
C GLY A 205 -23.20 -12.55 -24.55
N TRP A 206 -22.62 -13.76 -24.69
CA TRP A 206 -22.98 -14.72 -25.72
C TRP A 206 -23.43 -16.03 -25.06
N GLN A 207 -24.42 -16.72 -25.69
CA GLN A 207 -25.04 -17.94 -25.18
C GLN A 207 -25.43 -18.85 -26.36
N ASN A 208 -24.60 -19.86 -26.61
CA ASN A 208 -24.87 -20.84 -27.66
C ASN A 208 -24.89 -20.14 -29.02
N GLY A 209 -23.92 -19.24 -29.24
CA GLY A 209 -23.71 -18.61 -30.53
C GLY A 209 -24.59 -17.38 -30.76
N GLU A 210 -25.42 -17.00 -29.77
CA GLU A 210 -26.36 -15.89 -29.93
C GLU A 210 -26.11 -14.82 -28.86
N LEU A 211 -26.19 -13.55 -29.24
CA LEU A 211 -26.17 -12.47 -28.26
C LEU A 211 -27.22 -12.71 -27.18
N ILE A 212 -26.85 -12.49 -25.91
CA ILE A 212 -27.83 -12.58 -24.83
C ILE A 212 -28.71 -11.33 -24.87
N GLU A 213 -30.00 -11.55 -24.60
CA GLU A 213 -31.08 -10.58 -24.72
C GLU A 213 -30.78 -9.26 -24.00
N TYR A 214 -30.23 -9.31 -22.78
CA TYR A 214 -30.21 -8.16 -21.88
C TYR A 214 -28.91 -7.41 -22.09
N HIS A 215 -28.85 -6.23 -21.47
CA HIS A 215 -27.71 -5.31 -21.56
C HIS A 215 -27.13 -5.02 -20.18
N VAL A 216 -25.84 -4.68 -20.14
CA VAL A 216 -25.18 -4.20 -18.94
C VAL A 216 -25.62 -2.75 -18.71
N ASP A 217 -26.59 -2.55 -17.81
CA ASP A 217 -27.37 -1.32 -17.80
C ASP A 217 -27.54 -0.76 -16.39
N ARG A 218 -26.77 -1.25 -15.40
CA ARG A 218 -26.84 -0.70 -14.06
C ARG A 218 -25.47 -0.71 -13.39
N LYS A 219 -25.04 0.48 -12.95
CA LYS A 219 -23.73 0.68 -12.37
C LYS A 219 -23.62 -0.07 -11.05
N ALA A 220 -24.76 -0.30 -10.40
CA ALA A 220 -24.81 -0.81 -9.04
C ALA A 220 -24.77 -2.32 -9.01
N ASN A 221 -24.28 -2.96 -10.07
CA ASN A 221 -24.22 -4.41 -10.13
C ASN A 221 -22.82 -4.88 -10.54
N GLU A 222 -22.60 -6.18 -10.35
CA GLU A 222 -21.31 -6.84 -10.59
C GLU A 222 -20.75 -6.53 -11.97
N SER A 223 -21.62 -6.51 -12.99
CA SER A 223 -21.24 -6.40 -14.38
C SER A 223 -20.65 -5.03 -14.76
N ARG A 224 -20.51 -4.10 -13.80
CA ARG A 224 -20.05 -2.75 -14.08
C ARG A 224 -18.58 -2.74 -14.50
N LEU A 225 -17.79 -3.71 -14.02
CA LEU A 225 -16.36 -3.73 -14.34
C LEU A 225 -16.15 -3.96 -15.84
N ALA A 226 -17.03 -4.75 -16.47
CA ALA A 226 -16.94 -5.03 -17.90
C ALA A 226 -17.11 -3.74 -18.70
N ALA A 227 -18.11 -2.96 -18.29
CA ALA A 227 -18.44 -1.70 -18.93
C ALA A 227 -17.31 -0.71 -18.71
N LEU A 228 -16.69 -0.78 -17.53
CA LEU A 228 -15.56 0.05 -17.20
C LEU A 228 -14.36 -0.29 -18.07
N TRP A 229 -14.17 -1.59 -18.34
CA TRP A 229 -12.97 -2.12 -18.97
C TRP A 229 -12.99 -1.94 -20.49
N ALA A 230 -14.16 -2.19 -21.11
CA ALA A 230 -14.27 -2.26 -22.56
C ALA A 230 -13.69 -1.01 -23.24
N PRO A 231 -14.05 0.20 -22.78
CA PRO A 231 -13.51 1.42 -23.38
C PRO A 231 -11.98 1.46 -23.30
N LEU A 232 -11.43 0.90 -22.20
CA LEU A 232 -9.98 0.95 -21.95
C LEU A 232 -9.24 0.10 -22.98
N ILE A 233 -9.54 -1.20 -23.03
CA ILE A 233 -8.74 -2.09 -23.86
C ILE A 233 -9.00 -1.79 -25.35
N THR A 234 -10.08 -1.07 -25.69
CA THR A 234 -10.37 -0.79 -27.09
C THR A 234 -10.11 0.68 -27.41
N LYS A 235 -9.44 1.39 -26.51
CA LYS A 235 -9.24 2.85 -26.59
C LYS A 235 -8.49 3.25 -27.85
N HIS A 236 -7.60 2.38 -28.32
CA HIS A 236 -6.63 2.72 -29.35
C HIS A 236 -7.23 2.51 -30.75
N LEU A 237 -8.34 1.77 -30.84
CA LEU A 237 -8.81 1.27 -32.13
C LEU A 237 -9.55 2.37 -32.91
N GLY A 238 -9.40 3.63 -32.45
CA GLY A 238 -9.78 4.81 -33.20
C GLY A 238 -11.28 4.90 -33.43
N ALA A 239 -11.70 4.53 -34.66
CA ALA A 239 -13.08 4.65 -35.10
C ALA A 239 -13.96 3.66 -34.33
N GLU A 240 -13.42 2.45 -34.09
CA GLU A 240 -14.16 1.38 -33.43
C GLU A 240 -13.97 1.41 -31.91
N ALA A 241 -13.46 2.53 -31.37
CA ALA A 241 -13.31 2.64 -29.93
C ALA A 241 -14.68 2.57 -29.27
N ILE A 242 -14.81 1.65 -28.30
CA ILE A 242 -16.02 1.54 -27.51
C ILE A 242 -16.11 2.78 -26.62
N PRO A 243 -17.24 3.52 -26.63
CA PRO A 243 -17.33 4.77 -25.87
C PRO A 243 -17.50 4.55 -24.38
N ALA A 244 -16.83 5.43 -23.61
CA ALA A 244 -17.01 5.52 -22.18
C ALA A 244 -18.49 5.38 -21.84
N SER A 245 -19.34 5.96 -22.69
CA SER A 245 -20.79 5.97 -22.52
C SER A 245 -21.33 4.61 -22.07
N VAL A 246 -20.68 3.51 -22.48
CA VAL A 246 -21.17 2.19 -22.14
C VAL A 246 -21.20 2.05 -20.63
N PHE A 247 -20.34 2.82 -19.93
CA PHE A 247 -20.34 2.85 -18.49
C PHE A 247 -21.19 4.01 -18.00
N ASN A 248 -20.99 5.21 -18.57
CA ASN A 248 -21.49 6.44 -17.97
C ASN A 248 -23.02 6.48 -17.98
N ASP A 249 -23.62 6.05 -19.10
CA ASP A 249 -25.06 6.13 -19.32
C ASP A 249 -25.80 5.11 -18.47
N MET A 250 -25.08 4.15 -17.88
CA MET A 250 -25.73 3.15 -17.04
C MET A 250 -26.41 3.82 -15.85
N GLU A 251 -27.59 3.33 -15.51
CA GLU A 251 -28.41 3.98 -14.48
C GLU A 251 -27.97 3.59 -13.07
N THR A 252 -28.15 4.56 -12.16
CA THR A 252 -27.91 4.39 -10.73
C THR A 252 -29.13 4.91 -9.96
N TYR A 253 -29.72 4.05 -9.13
CA TYR A 253 -30.92 4.44 -8.41
C TYR A 253 -30.70 4.23 -6.92
N THR A 254 -31.18 5.20 -6.13
CA THR A 254 -31.27 5.10 -4.68
C THR A 254 -32.73 5.21 -4.28
N VAL A 255 -32.99 4.96 -2.99
CA VAL A 255 -34.24 5.28 -2.32
C VAL A 255 -33.90 6.03 -1.04
N SER A 256 -34.75 7.00 -0.64
CA SER A 256 -34.54 7.84 0.52
C SER A 256 -35.36 7.33 1.72
N TYR A 257 -34.68 6.78 2.73
CA TYR A 257 -35.34 6.31 3.95
C TYR A 257 -34.97 7.21 5.13
N ARG A 258 -35.77 7.14 6.21
CA ARG A 258 -35.42 7.72 7.49
C ARG A 258 -35.58 6.68 8.59
N LEU A 259 -34.75 6.79 9.63
CA LEU A 259 -34.71 5.80 10.70
C LEU A 259 -34.13 6.44 11.96
N ASP A 260 -34.80 6.23 13.10
CA ASP A 260 -34.45 6.84 14.39
C ASP A 260 -33.84 8.23 14.18
N GLY A 261 -34.53 9.06 13.39
CA GLY A 261 -34.20 10.46 13.21
C GLY A 261 -33.00 10.70 12.31
N LYS A 262 -32.58 9.70 11.51
CA LYS A 262 -31.41 9.83 10.64
C LYS A 262 -31.75 9.39 9.21
N ASN A 263 -31.20 10.10 8.22
CA ASN A 263 -31.43 9.79 6.81
C ASN A 263 -30.39 8.81 6.29
N TYR A 264 -30.87 7.80 5.55
CA TYR A 264 -30.04 6.94 4.70
C TYR A 264 -30.59 6.98 3.28
N THR A 265 -29.70 7.00 2.29
CA THR A 265 -30.09 6.99 0.89
C THR A 265 -29.30 5.88 0.19
N PRO A 266 -29.65 4.60 0.46
CA PRO A 266 -28.91 3.45 -0.08
C PRO A 266 -29.00 3.20 -1.58
N ILE A 267 -27.83 2.92 -2.19
CA ILE A 267 -27.76 2.46 -3.56
C ILE A 267 -28.39 1.07 -3.61
N LEU A 268 -29.26 0.87 -4.61
CA LEU A 268 -30.05 -0.33 -4.74
C LEU A 268 -29.36 -1.29 -5.71
N THR A 269 -29.00 -2.47 -5.20
CA THR A 269 -28.61 -3.57 -6.07
C THR A 269 -29.87 -4.24 -6.62
N TRP A 270 -29.79 -4.85 -7.79
CA TRP A 270 -31.00 -5.30 -8.46
C TRP A 270 -31.82 -6.20 -7.54
N ASP A 271 -31.16 -7.19 -6.93
CA ASP A 271 -31.80 -8.23 -6.13
C ASP A 271 -31.59 -7.98 -4.63
N GLY A 272 -30.98 -6.83 -4.28
CA GLY A 272 -30.79 -6.43 -2.89
C GLY A 272 -29.54 -7.07 -2.26
N ALA A 273 -28.73 -7.72 -3.09
CA ALA A 273 -27.67 -8.58 -2.61
C ALA A 273 -26.39 -7.78 -2.44
N TYR A 274 -25.75 -7.97 -1.30
CA TYR A 274 -24.66 -7.10 -0.97
C TYR A 274 -23.57 -7.16 -2.03
N PHE A 275 -23.29 -8.36 -2.54
CA PHE A 275 -22.06 -8.56 -3.28
C PHE A 275 -22.04 -7.65 -4.52
N GLN A 276 -23.18 -7.31 -5.09
CA GLN A 276 -23.20 -6.55 -6.33
C GLN A 276 -22.71 -5.12 -6.14
N ALA A 277 -22.73 -4.67 -4.88
CA ALA A 277 -22.36 -3.31 -4.52
C ALA A 277 -20.88 -3.24 -4.19
N LEU A 278 -20.27 -4.35 -3.75
CA LEU A 278 -18.94 -4.25 -3.18
C LEU A 278 -17.91 -5.26 -3.69
N LEU A 279 -18.31 -6.15 -4.60
CA LEU A 279 -17.36 -7.04 -5.22
C LEU A 279 -16.29 -6.24 -5.98
N PRO A 280 -16.68 -5.31 -6.87
CA PRO A 280 -15.71 -4.55 -7.66
C PRO A 280 -14.70 -3.80 -6.82
N ALA A 281 -15.06 -3.53 -5.56
CA ALA A 281 -14.19 -2.76 -4.66
C ALA A 281 -12.98 -3.58 -4.22
N ILE A 282 -12.96 -4.90 -4.48
CA ILE A 282 -11.75 -5.69 -4.31
C ILE A 282 -10.69 -5.26 -5.31
N TRP A 283 -11.09 -4.82 -6.52
CA TRP A 283 -10.13 -4.38 -7.52
C TRP A 283 -10.01 -2.84 -7.62
N LEU A 284 -11.09 -2.08 -7.34
CA LEU A 284 -11.04 -0.63 -7.54
C LEU A 284 -11.42 0.10 -6.26
N ASN A 285 -10.69 1.20 -6.00
CA ASN A 285 -10.88 2.00 -4.80
C ASN A 285 -12.13 2.87 -5.00
N GLU A 286 -13.30 2.22 -4.96
CA GLU A 286 -14.55 2.86 -5.30
C GLU A 286 -14.85 3.94 -4.26
N LYS A 287 -14.30 3.80 -3.04
CA LYS A 287 -14.57 4.73 -1.96
C LYS A 287 -13.94 6.10 -2.22
N GLU A 288 -12.96 6.19 -3.14
CA GLU A 288 -12.31 7.43 -3.53
C GLU A 288 -12.81 7.90 -4.91
N LEU A 289 -12.99 6.95 -5.84
CA LEU A 289 -13.31 7.23 -7.25
C LEU A 289 -14.75 7.73 -7.45
N VAL A 290 -15.70 7.24 -6.65
CA VAL A 290 -17.08 7.71 -6.69
C VAL A 290 -17.15 9.08 -6.01
N PRO A 291 -17.80 10.10 -6.63
CA PRO A 291 -17.93 11.42 -6.00
C PRO A 291 -18.43 11.37 -4.56
N ASP A 292 -19.61 10.78 -4.37
CA ASP A 292 -20.22 10.65 -3.05
C ASP A 292 -20.50 9.17 -2.81
N TYR A 293 -19.66 8.55 -1.97
CA TYR A 293 -19.78 7.15 -1.62
C TYR A 293 -20.81 6.94 -0.52
N SER A 294 -21.46 8.02 -0.08
CA SER A 294 -22.37 7.95 1.05
C SER A 294 -23.40 6.84 0.81
N MET A 295 -23.92 6.76 -0.42
CA MET A 295 -24.93 5.78 -0.77
C MET A 295 -24.44 4.39 -0.41
N PHE A 296 -23.18 4.08 -0.74
CA PHE A 296 -22.62 2.78 -0.39
C PHE A 296 -22.51 2.65 1.13
N GLU A 297 -22.07 3.71 1.80
CA GLU A 297 -21.96 3.70 3.26
C GLU A 297 -23.32 3.39 3.87
N ASP A 298 -24.39 3.89 3.22
CA ASP A 298 -25.75 3.74 3.71
C ASP A 298 -26.28 2.32 3.49
N THR A 299 -26.15 1.83 2.26
CA THR A 299 -26.48 0.44 1.95
C THR A 299 -25.83 -0.47 2.99
N THR A 300 -24.55 -0.19 3.30
CA THR A 300 -23.77 -0.96 4.27
C THR A 300 -24.42 -0.94 5.67
N GLN A 301 -24.73 0.25 6.22
CA GLN A 301 -25.26 0.40 7.58
C GLN A 301 -26.61 -0.30 7.70
N LEU A 302 -27.44 -0.20 6.65
CA LEU A 302 -28.77 -0.81 6.66
C LEU A 302 -28.64 -2.33 6.68
N GLN A 303 -27.68 -2.85 5.91
CA GLN A 303 -27.33 -4.26 5.91
C GLN A 303 -26.82 -4.68 7.30
N ARG A 304 -26.03 -3.78 7.91
CA ARG A 304 -25.35 -4.05 9.17
C ARG A 304 -26.36 -4.10 10.31
N ILE A 305 -27.44 -3.33 10.17
CA ILE A 305 -28.48 -3.24 11.19
C ILE A 305 -29.41 -4.44 11.05
N TYR A 306 -29.76 -4.79 9.81
CA TYR A 306 -30.66 -5.91 9.54
C TYR A 306 -29.99 -7.22 9.97
N SER A 307 -28.66 -7.28 9.84
CA SER A 307 -27.84 -8.39 10.25
C SER A 307 -27.83 -8.53 11.77
N LYS A 308 -27.39 -7.46 12.46
CA LYS A 308 -27.31 -7.46 13.91
C LYS A 308 -28.64 -7.91 14.50
N ARG A 309 -29.75 -7.38 13.97
CA ARG A 309 -31.06 -7.65 14.52
C ARG A 309 -31.37 -9.14 14.40
N ASN A 310 -31.23 -9.71 13.19
CA ASN A 310 -31.62 -11.09 12.96
C ASN A 310 -30.50 -12.07 13.34
N ASN A 311 -29.58 -11.65 14.22
CA ASN A 311 -28.53 -12.52 14.72
C ASN A 311 -28.02 -13.45 13.62
N MET A 312 -27.63 -12.84 12.50
CA MET A 312 -27.06 -13.58 11.38
C MET A 312 -26.25 -12.60 10.53
N PRO A 313 -25.30 -13.10 9.71
CA PRO A 313 -24.52 -12.23 8.83
C PRO A 313 -25.35 -11.40 7.84
N MET A 314 -24.65 -10.47 7.20
CA MET A 314 -25.19 -9.68 6.10
C MET A 314 -25.58 -10.55 4.90
N VAL A 315 -26.31 -9.96 3.96
CA VAL A 315 -27.13 -10.74 3.04
C VAL A 315 -26.67 -10.51 1.60
N SER A 316 -26.32 -11.64 0.97
CA SER A 316 -25.92 -11.70 -0.43
C SER A 316 -26.18 -13.12 -0.93
N SER A 317 -26.20 -13.27 -2.26
CA SER A 317 -26.28 -14.56 -2.92
C SER A 317 -25.25 -15.52 -2.32
N SER A 318 -25.74 -16.72 -1.95
CA SER A 318 -24.96 -17.67 -1.18
C SER A 318 -25.61 -19.05 -1.23
N ALA A 319 -24.97 -20.01 -0.54
CA ALA A 319 -25.56 -21.29 -0.26
C ALA A 319 -26.86 -21.09 0.52
N THR A 320 -27.75 -22.09 0.53
CA THR A 320 -28.90 -22.13 1.44
C THR A 320 -28.48 -22.91 2.68
N VAL A 321 -29.33 -22.96 3.72
CA VAL A 321 -29.07 -23.73 4.92
C VAL A 321 -29.24 -25.23 4.65
N ASN A 322 -29.94 -25.57 3.56
CA ASN A 322 -30.14 -26.96 3.17
C ASN A 322 -29.40 -27.25 1.86
N ASP A 323 -28.35 -26.47 1.57
CA ASP A 323 -27.35 -26.79 0.55
C ASP A 323 -27.92 -26.69 -0.87
N GLU A 324 -28.98 -25.90 -1.06
CA GLU A 324 -29.30 -25.37 -2.38
C GLU A 324 -28.39 -24.17 -2.62
N TYR A 325 -28.75 -23.32 -3.59
CA TYR A 325 -28.13 -22.01 -3.75
C TYR A 325 -29.19 -21.04 -4.27
N ARG A 326 -29.15 -19.79 -3.80
CA ARG A 326 -30.24 -18.84 -4.02
C ARG A 326 -29.68 -17.41 -3.94
N PRO A 327 -30.08 -16.44 -4.80
CA PRO A 327 -29.77 -15.04 -4.57
C PRO A 327 -30.46 -14.72 -3.24
N PHE A 328 -29.79 -13.91 -2.42
CA PHE A 328 -30.40 -13.40 -1.21
C PHE A 328 -30.13 -11.91 -1.20
N GLY A 329 -31.19 -11.12 -1.00
CA GLY A 329 -31.05 -9.68 -0.80
C GLY A 329 -32.10 -9.19 0.17
N ILE A 330 -31.86 -7.97 0.71
CA ILE A 330 -32.84 -7.29 1.54
C ILE A 330 -33.83 -6.60 0.60
N PRO A 331 -35.14 -6.89 0.68
CA PRO A 331 -36.12 -6.33 -0.26
C PRO A 331 -36.02 -4.82 -0.39
N HIS A 332 -35.91 -4.15 0.76
CA HIS A 332 -35.88 -2.69 0.79
C HIS A 332 -34.51 -2.14 0.32
N LEU A 333 -33.53 -3.01 0.06
CA LEU A 333 -32.27 -2.57 -0.55
C LEU A 333 -32.18 -3.02 -2.00
N SER A 334 -33.31 -3.50 -2.57
CA SER A 334 -33.42 -4.12 -3.88
C SER A 334 -34.14 -3.19 -4.85
N GLU A 335 -33.48 -2.87 -5.97
CA GLU A 335 -34.11 -2.05 -7.01
C GLU A 335 -35.41 -2.69 -7.50
N ALA A 336 -35.37 -3.98 -7.82
CA ALA A 336 -36.51 -4.63 -8.43
C ALA A 336 -37.74 -4.45 -7.53
N TRP A 337 -37.58 -4.68 -6.23
CA TRP A 337 -38.69 -4.58 -5.30
C TRP A 337 -39.14 -3.13 -5.16
N VAL A 338 -38.23 -2.25 -4.77
CA VAL A 338 -38.56 -0.85 -4.52
C VAL A 338 -39.06 -0.18 -5.79
N ARG A 339 -38.41 -0.43 -6.93
CA ARG A 339 -38.60 0.40 -8.10
C ARG A 339 -39.67 -0.19 -9.04
N TYR A 340 -39.86 -1.53 -9.00
CA TYR A 340 -40.71 -2.23 -9.96
C TYR A 340 -41.69 -3.23 -9.34
N ASP A 341 -41.72 -3.31 -8.00
CA ASP A 341 -42.69 -4.11 -7.28
C ASP A 341 -42.56 -5.58 -7.69
N ASP A 342 -41.30 -6.01 -7.89
CA ASP A 342 -40.97 -7.36 -8.30
C ASP A 342 -39.92 -7.89 -7.31
N LYS A 343 -40.38 -8.64 -6.30
CA LYS A 343 -39.51 -9.21 -5.27
C LYS A 343 -38.93 -10.53 -5.78
N ILE A 344 -37.60 -10.58 -5.91
CA ILE A 344 -36.95 -11.71 -6.58
C ILE A 344 -35.92 -12.38 -5.68
N ALA A 345 -35.86 -12.00 -4.39
CA ALA A 345 -34.94 -12.64 -3.47
C ALA A 345 -35.33 -12.34 -2.03
N GLY A 346 -35.11 -13.34 -1.17
CA GLY A 346 -35.45 -13.24 0.24
C GLY A 346 -34.26 -12.75 1.08
N GLY A 347 -34.58 -12.26 2.28
CA GLY A 347 -33.60 -11.89 3.29
C GLY A 347 -33.63 -12.84 4.48
N SER A 348 -33.92 -14.12 4.22
CA SER A 348 -34.08 -15.14 5.25
C SER A 348 -32.73 -15.55 5.83
N THR A 349 -31.70 -15.55 4.99
CA THR A 349 -30.39 -16.06 5.35
C THR A 349 -29.31 -15.00 5.12
N GLY A 350 -28.26 -15.05 5.95
CA GLY A 350 -27.05 -14.26 5.77
C GLY A 350 -25.85 -15.13 5.40
N THR A 351 -24.74 -14.49 5.01
CA THR A 351 -23.54 -15.21 4.58
C THR A 351 -22.31 -14.45 5.07
N PRO A 352 -21.28 -15.16 5.61
CA PRO A 352 -20.10 -14.51 6.16
C PRO A 352 -19.38 -13.60 5.17
N HIS A 353 -19.34 -14.00 3.88
CA HIS A 353 -18.57 -13.22 2.91
C HIS A 353 -19.16 -11.83 2.72
N ALA A 354 -20.47 -11.67 2.87
CA ALA A 354 -21.10 -10.37 2.74
C ALA A 354 -20.68 -9.45 3.91
N THR A 355 -20.52 -10.02 5.10
CA THR A 355 -20.10 -9.24 6.26
C THR A 355 -18.62 -8.88 6.08
N ALA A 356 -17.84 -9.82 5.52
CA ALA A 356 -16.42 -9.60 5.29
C ALA A 356 -16.21 -8.59 4.17
N LEU A 357 -17.06 -8.63 3.13
CA LEU A 357 -17.05 -7.61 2.10
C LEU A 357 -17.11 -6.22 2.73
N SER A 358 -17.81 -6.09 3.87
CA SER A 358 -18.12 -4.77 4.41
C SER A 358 -16.91 -4.18 5.13
N TYR A 359 -15.86 -4.97 5.26
CA TYR A 359 -14.58 -4.51 5.81
C TYR A 359 -13.91 -3.52 4.85
N MET A 360 -14.33 -3.52 3.58
CA MET A 360 -13.82 -2.56 2.61
C MET A 360 -14.45 -1.17 2.82
N VAL A 361 -15.58 -1.10 3.55
CA VAL A 361 -16.25 0.15 3.85
C VAL A 361 -15.95 0.58 5.29
N ASP A 362 -16.09 -0.39 6.23
CA ASP A 362 -15.93 -0.16 7.66
C ASP A 362 -15.24 -1.35 8.33
N PRO A 363 -13.89 -1.41 8.34
CA PRO A 363 -13.18 -2.60 8.81
C PRO A 363 -13.29 -2.92 10.31
N GLU A 364 -13.59 -1.94 11.14
CA GLU A 364 -13.66 -2.18 12.58
C GLU A 364 -14.95 -2.94 12.90
N GLY A 365 -16.07 -2.38 12.40
CA GLY A 365 -17.38 -2.95 12.64
C GLY A 365 -17.56 -4.29 11.94
N ALA A 366 -16.74 -4.56 10.91
CA ALA A 366 -16.81 -5.82 10.17
C ALA A 366 -16.25 -6.97 11.01
N VAL A 367 -15.08 -6.73 11.61
CA VAL A 367 -14.44 -7.70 12.47
C VAL A 367 -15.28 -7.93 13.73
N LYS A 368 -15.78 -6.85 14.36
CA LYS A 368 -16.70 -6.98 15.49
C LYS A 368 -17.82 -7.95 15.14
N SER A 369 -18.45 -7.70 13.99
CA SER A 369 -19.64 -8.41 13.57
C SER A 369 -19.34 -9.90 13.36
N LEU A 370 -18.26 -10.20 12.63
CA LEU A 370 -17.88 -11.58 12.31
C LEU A 370 -17.54 -12.34 13.58
N LYS A 371 -16.86 -11.63 14.50
CA LYS A 371 -16.55 -12.14 15.83
C LYS A 371 -17.83 -12.41 16.62
N SER A 372 -18.73 -11.42 16.65
CA SER A 372 -20.06 -11.58 17.21
C SER A 372 -20.73 -12.85 16.67
N ILE A 373 -20.59 -13.09 15.35
CA ILE A 373 -21.21 -14.22 14.69
C ILE A 373 -20.62 -15.53 15.21
N LYS A 374 -19.29 -15.61 15.26
CA LYS A 374 -18.62 -16.84 15.67
C LYS A 374 -18.81 -17.12 17.16
N ALA A 375 -19.12 -16.10 17.97
CA ALA A 375 -19.42 -16.32 19.38
C ALA A 375 -20.78 -17.01 19.48
N LEU A 376 -21.74 -16.55 18.70
CA LEU A 376 -23.10 -17.10 18.71
C LEU A 376 -23.11 -18.52 18.16
N TYR A 377 -22.24 -18.78 17.16
CA TYR A 377 -22.31 -20.01 16.39
C TYR A 377 -20.91 -20.60 16.28
N PRO A 378 -20.34 -21.18 17.36
CA PRO A 378 -18.96 -21.66 17.33
C PRO A 378 -18.72 -22.77 16.29
N ALA A 379 -19.81 -23.47 15.94
CA ALA A 379 -19.75 -24.55 14.97
C ALA A 379 -19.56 -24.05 13.54
N ILE A 380 -19.59 -22.73 13.31
CA ILE A 380 -19.46 -22.20 11.95
C ILE A 380 -18.07 -22.44 11.38
N GLU A 381 -17.07 -22.57 12.26
CA GLU A 381 -15.68 -22.75 11.82
C GLU A 381 -15.47 -24.19 11.42
N THR A 382 -14.94 -24.39 10.20
CA THR A 382 -14.32 -25.65 9.80
C THR A 382 -12.90 -25.31 9.35
N SER A 383 -12.17 -26.35 8.95
CA SER A 383 -10.79 -26.23 8.54
C SER A 383 -10.70 -25.79 7.07
N TYR A 384 -11.83 -25.80 6.36
CA TYR A 384 -11.86 -25.31 5.00
C TYR A 384 -12.39 -23.87 4.97
N GLY A 385 -12.82 -23.36 6.13
CA GLY A 385 -13.35 -22.01 6.26
C GLY A 385 -14.68 -22.01 7.00
N TRP A 386 -15.25 -20.82 7.17
CA TRP A 386 -16.57 -20.69 7.76
C TRP A 386 -17.59 -21.19 6.74
N TYR A 387 -18.69 -21.77 7.24
CA TYR A 387 -19.76 -22.25 6.38
C TYR A 387 -20.43 -21.05 5.71
N ASP A 388 -21.03 -21.29 4.54
CA ASP A 388 -21.41 -20.21 3.65
C ASP A 388 -22.72 -19.54 4.07
N ALA A 389 -23.67 -20.30 4.63
CA ALA A 389 -24.97 -19.74 4.95
C ALA A 389 -25.29 -19.93 6.43
N VAL A 390 -25.93 -18.90 7.03
CA VAL A 390 -26.41 -18.94 8.41
C VAL A 390 -27.78 -18.27 8.47
N ASP A 391 -28.75 -19.00 9.02
CA ASP A 391 -30.15 -18.60 9.16
C ASP A 391 -30.28 -17.65 10.35
N SER A 392 -31.44 -16.98 10.50
CA SER A 392 -31.71 -16.16 11.67
C SER A 392 -31.98 -17.03 12.90
N LYS A 393 -32.53 -18.23 12.65
CA LYS A 393 -32.82 -19.19 13.70
C LYS A 393 -31.53 -19.89 14.14
N GLY A 394 -30.49 -19.85 13.30
CA GLY A 394 -29.18 -20.41 13.63
C GLY A 394 -28.82 -21.65 12.81
N ARG A 395 -29.73 -22.12 11.95
CA ARG A 395 -29.44 -23.20 11.03
C ARG A 395 -28.36 -22.75 10.03
N MET A 396 -27.74 -23.72 9.36
CA MET A 396 -26.45 -23.52 8.73
C MET A 396 -26.28 -24.44 7.52
N SER A 397 -25.50 -23.98 6.54
CA SER A 397 -25.19 -24.79 5.37
C SER A 397 -24.05 -25.74 5.71
N THR A 398 -23.87 -26.71 4.81
CA THR A 398 -22.72 -27.59 4.78
C THR A 398 -21.77 -27.13 3.67
N LYS A 399 -22.33 -26.33 2.73
CA LYS A 399 -21.57 -25.79 1.61
C LYS A 399 -20.56 -24.74 2.07
N ILE A 400 -19.37 -24.75 1.46
CA ILE A 400 -18.46 -23.62 1.44
C ILE A 400 -18.12 -23.40 -0.04
N LEU A 401 -18.12 -22.12 -0.47
CA LEU A 401 -17.96 -21.78 -1.87
C LEU A 401 -16.70 -20.97 -2.11
N SER A 402 -15.96 -21.33 -3.17
CA SER A 402 -14.75 -20.63 -3.58
C SER A 402 -14.98 -19.15 -3.90
N LEU A 403 -16.14 -18.83 -4.48
CA LEU A 403 -16.52 -17.46 -4.81
C LEU A 403 -16.58 -16.64 -3.52
N ASP A 404 -17.22 -17.21 -2.50
CA ASP A 404 -17.45 -16.51 -1.25
C ASP A 404 -16.15 -16.43 -0.45
N GLN A 405 -15.34 -17.50 -0.50
CA GLN A 405 -14.08 -17.51 0.22
C GLN A 405 -13.12 -16.49 -0.39
N GLY A 406 -13.13 -16.37 -1.72
CA GLY A 406 -12.30 -15.42 -2.44
C GLY A 406 -12.70 -13.97 -2.14
N MET A 407 -14.01 -13.72 -2.07
CA MET A 407 -14.53 -12.43 -1.66
C MET A 407 -14.20 -12.11 -0.20
N PHE A 408 -14.32 -13.11 0.68
CA PHE A 408 -14.00 -12.97 2.10
C PHE A 408 -12.55 -12.54 2.26
N VAL A 409 -11.63 -13.32 1.68
CA VAL A 409 -10.21 -13.07 1.85
C VAL A 409 -9.85 -11.80 1.09
N GLY A 410 -10.43 -11.59 -0.10
CA GLY A 410 -10.08 -10.46 -0.94
C GLY A 410 -10.48 -9.15 -0.28
N ALA A 411 -11.62 -9.13 0.39
CA ALA A 411 -11.99 -7.91 1.09
C ALA A 411 -10.79 -7.41 1.89
N PHE A 412 -10.13 -8.32 2.62
CA PHE A 412 -9.08 -7.93 3.55
C PHE A 412 -7.80 -7.51 2.81
N LEU A 413 -7.67 -7.85 1.52
CA LEU A 413 -6.46 -7.57 0.73
C LEU A 413 -6.69 -6.38 -0.18
N ALA A 414 -7.90 -5.83 -0.19
CA ALA A 414 -8.34 -4.94 -1.25
C ALA A 414 -7.45 -3.71 -1.36
N GLU A 415 -6.96 -3.20 -0.22
CA GLU A 415 -6.10 -2.02 -0.27
C GLU A 415 -4.88 -2.31 -1.15
N SER A 416 -4.34 -3.52 -1.03
CA SER A 416 -3.15 -3.90 -1.80
C SER A 416 -3.52 -4.22 -3.25
N ILE A 417 -4.70 -4.79 -3.48
CA ILE A 417 -5.11 -5.14 -4.83
C ILE A 417 -5.52 -3.86 -5.56
N ASN A 418 -6.19 -2.94 -4.86
CA ASN A 418 -6.54 -1.63 -5.38
C ASN A 418 -5.30 -0.86 -5.83
N ALA A 419 -4.26 -0.83 -5.00
CA ALA A 419 -3.07 -0.06 -5.34
C ALA A 419 -2.42 -0.64 -6.59
N ASP A 420 -2.43 -1.96 -6.72
CA ASP A 420 -1.80 -2.60 -7.85
C ASP A 420 -2.57 -2.31 -9.14
N VAL A 421 -3.90 -2.39 -9.09
CA VAL A 421 -4.74 -2.02 -10.23
C VAL A 421 -4.41 -0.62 -10.73
N GLU A 422 -4.39 0.35 -9.80
CA GLU A 422 -4.10 1.75 -10.10
C GLU A 422 -2.72 1.91 -10.74
N ARG A 423 -1.71 1.22 -10.19
CA ARG A 423 -0.40 1.16 -10.82
C ARG A 423 -0.53 0.71 -12.28
N TYR A 424 -1.26 -0.40 -12.54
CA TYR A 424 -1.46 -0.91 -13.88
C TYR A 424 -2.12 0.15 -14.77
N LEU A 425 -3.23 0.73 -14.31
CA LEU A 425 -3.96 1.67 -15.13
C LEU A 425 -3.08 2.87 -15.46
N ARG A 426 -2.34 3.38 -14.46
CA ARG A 426 -1.38 4.46 -14.66
C ARG A 426 -0.38 4.10 -15.76
N ALA A 427 0.25 2.92 -15.66
CA ALA A 427 1.23 2.52 -16.66
C ALA A 427 0.62 2.41 -18.07
N ARG A 428 -0.66 1.99 -18.20
CA ARG A 428 -1.24 1.72 -19.52
C ARG A 428 -2.02 2.92 -20.07
N GLY A 429 -2.01 4.06 -19.36
CA GLY A 429 -2.72 5.24 -19.79
C GLY A 429 -4.23 5.16 -19.54
N TYR A 430 -4.64 4.35 -18.56
CA TYR A 430 -6.07 4.08 -18.38
C TYR A 430 -6.65 4.87 -17.23
N TRP A 431 -5.77 5.36 -16.33
CA TRP A 431 -6.15 5.80 -14.99
C TRP A 431 -7.06 7.03 -15.02
N ASP A 432 -6.78 7.97 -15.94
CA ASP A 432 -7.62 9.14 -16.11
C ASP A 432 -8.96 8.73 -16.70
N ASP A 433 -8.93 7.72 -17.60
CA ASP A 433 -10.19 7.24 -18.18
C ASP A 433 -11.09 6.72 -17.06
N VAL A 434 -10.52 5.86 -16.19
CA VAL A 434 -11.27 5.28 -15.09
C VAL A 434 -11.86 6.37 -14.20
N LYS A 435 -11.05 7.37 -13.83
CA LYS A 435 -11.49 8.43 -12.94
C LYS A 435 -12.66 9.23 -13.54
N SER A 436 -12.51 9.55 -14.83
CA SER A 436 -13.52 10.28 -15.58
C SER A 436 -14.83 9.47 -15.57
N MET A 437 -14.75 8.19 -15.98
CA MET A 437 -15.92 7.34 -16.01
C MET A 437 -16.58 7.30 -14.63
N TYR A 438 -15.77 7.37 -13.55
CA TYR A 438 -16.30 7.31 -12.19
C TYR A 438 -17.04 8.62 -11.86
N LEU A 439 -16.74 9.72 -12.54
CA LEU A 439 -17.45 10.96 -12.30
C LEU A 439 -18.96 10.78 -12.52
N SER A 440 -19.33 9.83 -13.39
CA SER A 440 -20.72 9.59 -13.74
C SER A 440 -21.46 8.78 -12.67
N PHE A 441 -20.73 8.22 -11.69
CA PHE A 441 -21.32 7.26 -10.77
C PHE A 441 -22.06 8.03 -9.67
N LYS A 442 -23.26 8.51 -10.01
CA LYS A 442 -24.01 9.37 -9.11
C LYS A 442 -25.51 9.12 -9.30
N ASP A 443 -26.26 9.20 -8.20
CA ASP A 443 -27.68 8.86 -8.22
C ASP A 443 -28.40 9.64 -9.32
N ASP A 444 -29.04 8.86 -10.21
CA ASP A 444 -30.04 9.36 -11.14
C ASP A 444 -31.39 9.46 -10.39
N GLU B 23 -7.94 31.58 11.30
CA GLU B 23 -8.39 30.20 11.66
C GLU B 23 -8.22 29.95 13.16
N SER B 24 -8.73 28.81 13.62
CA SER B 24 -8.66 28.40 15.01
C SER B 24 -7.40 27.56 15.26
N ALA B 25 -7.09 27.30 16.54
CA ALA B 25 -5.84 26.68 16.93
C ALA B 25 -6.09 25.28 17.49
N VAL B 26 -5.55 24.27 16.79
CA VAL B 26 -5.83 22.87 17.09
C VAL B 26 -4.67 22.29 17.88
N THR B 27 -5.00 21.42 18.86
CA THR B 27 -4.01 20.77 19.70
C THR B 27 -3.97 19.26 19.41
N LEU B 28 -2.80 18.77 18.97
CA LEU B 28 -2.59 17.36 18.68
C LEU B 28 -2.02 16.63 19.88
N ASP B 29 -2.88 15.85 20.56
CA ASP B 29 -2.56 15.31 21.87
C ASP B 29 -2.72 13.79 21.90
N LYS B 30 -2.98 13.21 20.71
CA LYS B 30 -3.01 11.78 20.48
C LYS B 30 -2.57 11.53 19.04
N LEU B 31 -1.58 10.65 18.83
CA LEU B 31 -1.04 10.47 17.49
C LEU B 31 -0.88 8.99 17.17
N GLU B 32 -1.76 8.48 16.31
CA GLU B 32 -1.79 7.06 15.99
C GLU B 32 -1.84 6.89 14.48
N VAL B 33 -1.20 5.82 14.00
CA VAL B 33 -1.26 5.42 12.60
C VAL B 33 -2.09 4.14 12.46
N ARG B 34 -2.41 3.77 11.21
CA ARG B 34 -3.27 2.62 10.91
C ARG B 34 -2.76 1.36 11.60
N ASP B 35 -3.68 0.45 11.95
CA ASP B 35 -3.36 -0.78 12.68
C ASP B 35 -2.29 -1.60 11.96
N GLN B 36 -2.40 -1.67 10.63
CA GLN B 36 -1.52 -2.46 9.79
C GLN B 36 -0.05 -2.26 10.17
N PHE B 37 0.35 -1.03 10.52
CA PHE B 37 1.76 -0.71 10.71
C PHE B 37 2.26 -1.10 12.10
N TYR B 38 1.36 -1.43 13.02
CA TYR B 38 1.82 -1.83 14.33
C TYR B 38 2.06 -3.34 14.28
N PRO B 39 3.29 -3.82 14.57
CA PRO B 39 3.54 -5.26 14.57
C PRO B 39 2.79 -5.79 15.80
N ALA B 40 2.12 -6.93 15.64
CA ALA B 40 1.40 -7.57 16.74
C ALA B 40 2.36 -7.76 17.92
N ASP B 41 3.65 -7.80 17.59
CA ASP B 41 4.72 -8.14 18.51
C ASP B 41 5.15 -6.91 19.32
N PHE B 42 4.82 -5.69 18.85
CA PHE B 42 5.57 -4.52 19.29
C PHE B 42 4.74 -3.23 19.17
N ARG B 43 3.48 -3.30 19.63
CA ARG B 43 2.50 -2.22 19.50
C ARG B 43 2.87 -1.02 20.37
N GLU B 44 2.99 -1.26 21.69
CA GLU B 44 3.14 -0.17 22.65
C GLU B 44 4.46 0.56 22.42
N GLU B 45 5.49 -0.17 22.00
CA GLU B 45 6.83 0.40 21.95
C GLU B 45 6.92 1.36 20.76
N LEU B 46 6.42 0.95 19.60
CA LEU B 46 6.33 1.85 18.47
C LEU B 46 5.49 3.07 18.86
N GLN B 47 4.33 2.82 19.49
CA GLN B 47 3.46 3.88 19.95
C GLN B 47 4.19 4.82 20.91
N THR B 48 5.03 4.27 21.80
CA THR B 48 5.78 5.08 22.74
C THR B 48 6.62 6.09 21.95
N ASN B 49 7.30 5.59 20.91
CA ASN B 49 8.28 6.38 20.18
C ASN B 49 7.56 7.39 19.28
N LEU B 50 6.33 7.06 18.91
CA LEU B 50 5.50 7.96 18.14
C LEU B 50 5.14 9.18 19.00
N ASN B 51 4.98 8.93 20.30
CA ASN B 51 4.47 9.92 21.23
C ASN B 51 5.46 11.07 21.43
N PHE B 52 6.68 10.90 20.94
CA PHE B 52 7.59 12.03 20.86
C PHE B 52 6.91 13.20 20.17
N PHE B 53 6.07 12.93 19.16
CA PHE B 53 5.58 13.96 18.24
C PHE B 53 4.21 14.55 18.63
N LEU B 54 3.75 14.28 19.87
CA LEU B 54 2.55 14.88 20.44
C LEU B 54 2.90 16.29 20.94
N ASP B 55 1.90 17.17 20.94
CA ASP B 55 2.07 18.54 21.39
C ASP B 55 2.42 18.52 22.88
N GLY B 56 3.39 19.36 23.27
CA GLY B 56 3.82 19.42 24.66
C GLY B 56 4.84 18.34 25.00
N LYS B 57 5.37 17.67 23.97
CA LYS B 57 6.44 16.71 24.17
C LYS B 57 7.63 17.11 23.31
N GLY B 58 7.58 16.80 22.02
CA GLY B 58 8.70 17.05 21.12
C GLY B 58 8.36 18.04 20.01
N VAL B 59 7.13 18.59 20.06
CA VAL B 59 6.68 19.59 19.11
C VAL B 59 6.50 20.93 19.83
N ASP B 60 7.06 21.99 19.24
CA ASP B 60 6.99 23.36 19.75
C ASP B 60 5.59 23.92 19.50
N ALA B 61 5.03 24.60 20.51
CA ALA B 61 3.63 25.03 20.46
C ALA B 61 3.46 26.25 19.56
N ASP B 62 4.51 27.04 19.32
CA ASP B 62 4.38 28.25 18.51
C ASP B 62 4.64 27.98 17.03
N THR B 63 5.65 27.16 16.72
CA THR B 63 6.03 26.94 15.33
C THR B 63 5.42 25.66 14.78
N LEU B 64 4.92 24.81 15.69
CA LEU B 64 4.26 23.56 15.36
C LEU B 64 5.19 22.63 14.58
N VAL B 65 6.49 22.65 14.92
CA VAL B 65 7.46 21.74 14.37
C VAL B 65 8.18 21.05 15.53
N PRO B 66 8.90 19.92 15.30
CA PRO B 66 9.60 19.22 16.37
C PRO B 66 10.84 20.00 16.82
N TYR B 67 11.12 19.87 18.12
CA TYR B 67 12.37 20.31 18.70
C TYR B 67 13.45 19.38 18.18
N ASP B 68 14.65 19.94 17.89
CA ASP B 68 15.75 19.14 17.39
C ASP B 68 16.13 18.11 18.45
N THR B 69 16.20 18.56 19.71
CA THR B 69 16.72 17.73 20.79
C THR B 69 15.90 18.01 22.05
N ILE B 70 15.78 17.00 22.91
CA ILE B 70 15.14 17.17 24.21
C ILE B 70 15.86 16.30 25.23
N TRP B 71 15.90 16.79 26.47
CA TRP B 71 16.50 16.07 27.57
C TRP B 71 15.40 15.58 28.52
N VAL B 72 15.38 14.28 28.83
CA VAL B 72 14.27 13.67 29.55
C VAL B 72 14.77 13.15 30.90
N LYS B 73 14.22 13.71 31.99
CA LYS B 73 14.80 13.61 33.33
C LYS B 73 14.08 12.50 34.09
N ASP B 74 12.94 12.84 34.69
CA ASP B 74 12.10 11.92 35.44
C ASP B 74 10.68 12.11 34.94
N ASN B 75 10.51 11.96 33.62
CA ASN B 75 9.23 12.10 32.94
C ASN B 75 8.90 13.57 32.74
N LYS B 76 9.92 14.42 32.66
CA LYS B 76 9.77 15.80 32.26
C LYS B 76 10.93 16.17 31.35
N ALA B 77 10.71 17.13 30.44
CA ALA B 77 11.64 17.41 29.36
C ALA B 77 12.21 18.82 29.44
N GLU B 78 13.49 18.93 29.07
CA GLU B 78 14.09 20.21 28.68
C GLU B 78 14.23 20.19 27.16
N TYR B 79 13.99 21.35 26.51
CA TYR B 79 13.88 21.43 25.08
C TYR B 79 14.97 22.35 24.53
N ALA B 80 15.35 22.12 23.27
CA ALA B 80 16.31 22.95 22.56
C ALA B 80 15.62 23.56 21.35
N TYR B 81 15.84 24.87 21.16
CA TYR B 81 15.01 25.70 20.30
C TYR B 81 15.66 25.78 18.93
N TYR B 82 15.72 24.61 18.27
CA TYR B 82 16.32 24.41 16.96
C TYR B 82 15.53 23.30 16.26
N THR B 83 15.45 23.40 14.92
CA THR B 83 14.80 22.38 14.10
C THR B 83 15.55 22.32 12.77
N ASN B 84 15.24 21.30 11.98
CA ASN B 84 15.64 21.29 10.58
C ASN B 84 14.54 20.62 9.77
N THR B 85 14.66 20.76 8.45
CA THR B 85 13.62 20.37 7.50
C THR B 85 13.55 18.85 7.31
N THR B 86 14.65 18.12 7.59
CA THR B 86 14.61 16.65 7.63
C THR B 86 13.73 16.20 8.80
N GLU B 87 13.74 16.96 9.90
CA GLU B 87 12.89 16.63 11.03
C GLU B 87 11.44 16.96 10.70
N ILE B 88 11.24 18.06 9.95
CA ILE B 88 9.90 18.49 9.62
C ILE B 88 9.32 17.51 8.60
N ALA B 89 10.12 17.16 7.60
CA ALA B 89 9.72 16.20 6.60
C ALA B 89 9.14 14.93 7.25
N LEU B 90 9.86 14.37 8.23
CA LEU B 90 9.47 13.08 8.77
C LEU B 90 8.20 13.29 9.60
N TYR B 91 8.14 14.43 10.29
CA TYR B 91 6.92 14.83 10.97
C TYR B 91 5.79 14.78 9.97
N LEU B 92 5.94 15.48 8.83
CA LEU B 92 4.91 15.56 7.80
C LEU B 92 4.37 14.17 7.44
N ASN B 93 5.25 13.20 7.24
CA ASN B 93 4.80 11.91 6.73
C ASN B 93 4.09 11.12 7.84
N ILE B 94 4.54 11.29 9.08
CA ILE B 94 3.83 10.71 10.22
C ILE B 94 2.41 11.28 10.27
N LEU B 95 2.29 12.61 10.18
CA LEU B 95 1.00 13.24 10.21
C LEU B 95 0.06 12.62 9.18
N VAL B 96 0.54 12.49 7.93
CA VAL B 96 -0.25 11.93 6.84
C VAL B 96 -0.78 10.55 7.23
N GLU B 97 0.06 9.72 7.84
CA GLU B 97 -0.37 8.39 8.24
C GLU B 97 -1.36 8.49 9.40
N ALA B 98 -1.20 9.51 10.23
CA ALA B 98 -2.11 9.73 11.35
C ALA B 98 -3.52 10.07 10.83
N GLU B 99 -3.60 10.90 9.79
CA GLU B 99 -4.89 11.36 9.32
C GLU B 99 -5.61 10.27 8.54
N LYS B 100 -4.82 9.35 7.94
CA LYS B 100 -5.34 8.18 7.24
C LYS B 100 -5.98 7.19 8.20
N ALA B 101 -5.53 7.18 9.47
CA ALA B 101 -6.13 6.40 10.54
C ALA B 101 -7.30 7.15 11.18
N GLY B 102 -7.74 8.26 10.58
CA GLY B 102 -8.98 8.93 10.95
C GLY B 102 -8.80 10.15 11.86
N ASN B 103 -7.56 10.58 12.12
CA ASN B 103 -7.31 11.74 12.96
C ASN B 103 -7.58 13.04 12.19
N GLN B 104 -8.64 13.75 12.59
CA GLN B 104 -9.13 14.90 11.82
C GLN B 104 -8.17 16.07 11.98
N LYS B 105 -7.65 16.22 13.20
CA LYS B 105 -6.75 17.32 13.51
C LYS B 105 -5.47 17.21 12.68
N ALA B 106 -4.97 15.98 12.48
CA ALA B 106 -3.72 15.78 11.75
C ALA B 106 -3.72 16.54 10.42
N LEU B 107 -4.88 16.69 9.80
CA LEU B 107 -4.97 17.37 8.52
C LEU B 107 -4.81 18.88 8.70
N THR B 108 -5.31 19.42 9.83
CA THR B 108 -5.13 20.84 10.08
C THR B 108 -3.64 21.10 10.30
N ARG B 109 -3.01 20.26 11.11
CA ARG B 109 -1.59 20.38 11.40
C ARG B 109 -0.72 20.37 10.13
N ILE B 110 -1.01 19.47 9.17
CA ILE B 110 -0.25 19.39 7.93
C ILE B 110 -0.20 20.78 7.28
N GLN B 111 -1.37 21.42 7.21
CA GLN B 111 -1.53 22.72 6.57
C GLN B 111 -0.72 23.78 7.33
N GLU B 112 -0.69 23.65 8.66
CA GLU B 112 0.01 24.60 9.53
C GLU B 112 1.51 24.45 9.37
N VAL B 113 2.00 23.21 9.26
CA VAL B 113 3.40 22.95 8.96
C VAL B 113 3.73 23.56 7.59
N LEU B 114 2.81 23.37 6.64
CA LEU B 114 2.95 23.96 5.32
C LEU B 114 3.11 25.46 5.44
N THR B 115 2.34 26.07 6.36
CA THR B 115 2.33 27.52 6.53
C THR B 115 3.69 27.97 7.09
N THR B 116 4.15 27.31 8.16
CA THR B 116 5.46 27.55 8.77
C THR B 116 6.57 27.48 7.73
N LEU B 117 6.50 26.47 6.84
CA LEU B 117 7.53 26.28 5.82
C LEU B 117 7.52 27.43 4.82
N GLU B 118 6.32 27.81 4.37
CA GLU B 118 6.13 28.92 3.45
C GLU B 118 6.69 30.21 4.05
N GLU B 119 6.50 30.41 5.37
CA GLU B 119 6.84 31.69 6.00
C GLU B 119 8.30 31.73 6.42
N ALA B 120 8.99 30.57 6.47
CA ALA B 120 10.40 30.60 6.85
C ALA B 120 11.24 31.21 5.73
N PRO B 121 12.25 32.06 6.05
CA PRO B 121 13.13 32.61 5.02
C PRO B 121 13.93 31.51 4.33
N LYS B 122 14.32 31.80 3.09
CA LYS B 122 14.98 30.83 2.27
C LYS B 122 16.03 31.55 1.44
N PHE B 123 16.85 30.81 0.73
CA PHE B 123 17.82 31.40 -0.17
C PHE B 123 17.58 30.74 -1.52
N LYS B 124 17.14 31.54 -2.49
CA LYS B 124 16.79 31.04 -3.81
C LYS B 124 15.89 29.80 -3.66
N GLY B 125 14.94 29.86 -2.71
CA GLY B 125 13.91 28.86 -2.56
C GLY B 125 14.29 27.73 -1.61
N LEU B 126 15.58 27.64 -1.25
CA LEU B 126 16.09 26.51 -0.49
C LEU B 126 16.02 26.83 1.00
N PHE B 127 15.60 25.85 1.80
CA PHE B 127 15.53 25.96 3.25
C PHE B 127 16.91 25.98 3.90
N TYR B 128 17.04 26.76 4.98
CA TYR B 128 18.31 26.93 5.68
C TYR B 128 18.53 25.76 6.64
N TRP B 129 19.77 25.65 7.16
CA TRP B 129 20.08 24.73 8.24
C TRP B 129 20.90 25.44 9.32
N PRO B 130 20.61 25.24 10.63
CA PRO B 130 19.28 24.86 11.10
C PRO B 130 18.37 26.10 11.09
N TYR B 131 17.17 25.95 11.65
CA TYR B 131 16.30 27.08 11.95
C TYR B 131 16.18 27.19 13.48
N ASP B 132 16.61 28.34 14.04
CA ASP B 132 16.35 28.70 15.43
C ASP B 132 14.87 28.98 15.65
N ILE B 133 14.32 28.53 16.77
CA ILE B 133 12.91 28.70 17.10
C ILE B 133 12.77 29.48 18.41
N LYS B 134 13.82 30.16 18.86
CA LYS B 134 13.77 30.82 20.15
C LYS B 134 12.74 31.97 20.08
N GLY B 135 12.63 32.62 18.92
CA GLY B 135 11.85 33.84 18.79
C GLY B 135 10.35 33.59 18.59
N GLY B 136 9.90 32.34 18.66
CA GLY B 136 8.52 32.00 18.32
C GLY B 136 8.31 31.95 16.81
N GLU B 137 9.42 31.98 16.08
CA GLU B 137 9.47 31.92 14.62
C GLU B 137 10.76 31.22 14.21
N LEU B 138 10.79 30.72 12.98
CA LEU B 138 11.98 30.10 12.43
C LEU B 138 12.88 31.16 11.83
N LYS B 139 14.15 31.20 12.28
CA LYS B 139 15.15 32.07 11.69
C LYS B 139 16.35 31.24 11.28
N PRO B 140 16.98 31.52 10.12
CA PRO B 140 18.22 30.84 9.75
C PRO B 140 19.24 30.90 10.88
N GLY B 141 19.96 29.79 11.11
CA GLY B 141 21.06 29.77 12.05
C GLY B 141 22.17 30.68 11.54
N LYS B 142 23.13 30.98 12.41
CA LYS B 142 24.13 32.02 12.18
C LYS B 142 24.86 31.81 10.86
N GLY B 143 25.02 30.54 10.45
CA GLY B 143 25.79 30.18 9.27
C GLY B 143 25.18 30.61 7.93
N GLU B 144 23.85 30.85 7.88
CA GLU B 144 23.14 31.02 6.63
C GLU B 144 23.53 29.87 5.68
N ILE B 145 23.38 28.64 6.18
CA ILE B 145 23.69 27.45 5.41
C ILE B 145 22.40 26.92 4.79
N ALA B 146 22.39 26.84 3.44
CA ALA B 146 21.33 26.18 2.68
C ALA B 146 21.86 24.90 2.03
N PRO B 147 21.86 23.74 2.73
CA PRO B 147 22.39 22.49 2.18
C PRO B 147 21.46 21.72 1.25
N ALA B 148 22.08 21.07 0.27
CA ALA B 148 21.42 20.16 -0.63
C ALA B 148 20.74 19.01 0.12
N VAL B 149 21.41 18.42 1.11
CA VAL B 149 20.87 17.23 1.76
C VAL B 149 19.46 17.51 2.33
N ASP B 150 19.31 18.47 3.23
CA ASP B 150 18.01 18.75 3.84
C ASP B 150 16.93 19.00 2.79
N ASN B 151 17.29 19.73 1.73
CA ASN B 151 16.31 20.13 0.73
C ASN B 151 15.88 18.95 -0.13
N GLY B 152 16.77 17.98 -0.35
CA GLY B 152 16.43 16.75 -1.04
C GLY B 152 15.53 15.85 -0.20
N ASN B 153 15.77 15.75 1.10
CA ASN B 153 14.95 14.91 1.96
C ASN B 153 13.52 15.44 2.01
N LEU B 154 13.42 16.76 2.14
CA LEU B 154 12.17 17.47 2.26
C LEU B 154 11.43 17.41 0.94
N ALA B 155 12.16 17.43 -0.18
CA ALA B 155 11.49 17.37 -1.46
C ALA B 155 10.70 16.05 -1.50
N PHE B 156 11.37 14.94 -1.16
CA PHE B 156 10.73 13.65 -1.29
C PHE B 156 9.64 13.45 -0.23
N SER B 157 9.82 14.02 0.98
CA SER B 157 8.76 14.06 1.98
C SER B 157 7.50 14.71 1.43
N LEU B 158 7.66 15.90 0.81
CA LEU B 158 6.53 16.66 0.29
C LEU B 158 5.87 15.87 -0.84
N ALA B 159 6.69 15.22 -1.65
CA ALA B 159 6.18 14.35 -2.71
C ALA B 159 5.24 13.31 -2.10
N ALA B 160 5.71 12.63 -1.03
CA ALA B 160 4.93 11.64 -0.30
C ALA B 160 3.60 12.23 0.16
N VAL B 161 3.65 13.42 0.77
CA VAL B 161 2.43 14.10 1.20
C VAL B 161 1.49 14.20 0.00
N ALA B 162 1.99 14.72 -1.13
CA ALA B 162 1.17 14.97 -2.31
C ALA B 162 0.62 13.66 -2.85
N GLY B 163 1.46 12.62 -2.85
CA GLY B 163 1.07 11.30 -3.35
C GLY B 163 -0.13 10.74 -2.60
N ALA B 164 -0.22 11.03 -1.30
CA ALA B 164 -1.27 10.51 -0.44
C ALA B 164 -2.64 11.06 -0.83
N TYR B 165 -2.67 12.24 -1.46
CA TYR B 165 -3.90 12.98 -1.63
C TYR B 165 -4.20 13.33 -3.08
N LEU B 166 -3.29 12.99 -4.00
CA LEU B 166 -3.46 13.24 -5.43
C LEU B 166 -4.84 12.85 -5.92
N ASN B 167 -5.37 11.73 -5.43
CA ASN B 167 -6.60 11.19 -5.97
C ASN B 167 -7.81 11.72 -5.21
N SER B 168 -7.61 12.69 -4.30
CA SER B 168 -8.71 13.20 -3.50
C SER B 168 -9.37 14.39 -4.20
N THR B 169 -10.66 14.56 -3.89
CA THR B 169 -11.48 15.59 -4.51
C THR B 169 -11.88 16.64 -3.47
N ASP B 170 -11.51 16.40 -2.19
CA ASP B 170 -11.64 17.38 -1.13
C ASP B 170 -10.82 18.63 -1.44
N PRO B 171 -11.43 19.84 -1.51
CA PRO B 171 -10.69 21.09 -1.69
C PRO B 171 -9.47 21.29 -0.79
N VAL B 172 -9.62 20.87 0.48
CA VAL B 172 -8.57 20.94 1.48
C VAL B 172 -7.33 20.21 0.96
N LYS B 173 -7.52 18.95 0.55
CA LYS B 173 -6.43 18.17 -0.01
C LYS B 173 -5.96 18.78 -1.32
N GLN B 174 -6.89 19.30 -2.13
CA GLN B 174 -6.51 19.94 -3.38
C GLN B 174 -5.65 21.16 -3.07
N SER B 175 -5.86 21.74 -1.88
CA SER B 175 -5.13 22.92 -1.48
C SER B 175 -3.73 22.53 -1.01
N ILE B 176 -3.62 21.37 -0.38
CA ILE B 176 -2.34 20.81 0.04
C ILE B 176 -1.48 20.44 -1.18
N ILE B 177 -2.08 19.85 -2.23
CA ILE B 177 -1.33 19.52 -3.45
C ILE B 177 -0.76 20.81 -4.04
N SER B 178 -1.65 21.77 -4.36
CA SER B 178 -1.27 23.00 -5.03
C SER B 178 -0.11 23.67 -4.31
N ARG B 179 -0.22 23.76 -2.98
CA ARG B 179 0.77 24.46 -2.18
C ARG B 179 2.11 23.73 -2.18
N ILE B 180 2.06 22.40 -2.23
CA ILE B 180 3.29 21.60 -2.24
C ILE B 180 4.04 21.83 -3.55
N ASP B 181 3.32 21.91 -4.67
CA ASP B 181 3.94 22.09 -5.97
C ASP B 181 4.56 23.46 -6.08
N GLN B 182 3.90 24.43 -5.43
CA GLN B 182 4.35 25.80 -5.37
C GLN B 182 5.70 25.88 -4.66
N MET B 183 5.79 25.22 -3.49
CA MET B 183 7.02 25.22 -2.71
C MET B 183 8.14 24.52 -3.51
N LEU B 184 7.81 23.41 -4.18
CA LEU B 184 8.81 22.65 -4.90
C LEU B 184 9.30 23.45 -6.10
N LYS B 185 8.39 23.90 -6.96
CA LYS B 185 8.77 24.68 -8.14
C LYS B 185 9.61 25.89 -7.73
N ALA B 186 9.33 26.47 -6.55
CA ALA B 186 10.07 27.64 -6.08
C ALA B 186 11.52 27.30 -5.71
N GLN B 187 11.86 26.02 -5.59
CA GLN B 187 13.25 25.67 -5.34
C GLN B 187 14.05 25.64 -6.64
N ILE B 188 13.39 25.82 -7.80
CA ILE B 188 14.05 25.68 -9.09
C ILE B 188 15.34 26.52 -9.12
N PRO B 189 15.28 27.83 -8.77
CA PRO B 189 16.47 28.68 -8.74
C PRO B 189 17.61 28.17 -7.86
N GLY B 190 17.29 27.65 -6.66
CA GLY B 190 18.29 27.07 -5.77
C GLY B 190 18.93 25.81 -6.35
N TRP B 191 18.11 24.92 -6.94
CA TRP B 191 18.65 23.73 -7.56
C TRP B 191 19.62 24.10 -8.70
N LEU B 192 19.21 24.97 -9.63
CA LEU B 192 20.11 25.34 -10.72
C LEU B 192 21.38 25.97 -10.15
N SER B 193 21.19 26.87 -9.20
CA SER B 193 22.27 27.49 -8.45
C SER B 193 23.34 26.47 -8.03
N LEU B 194 22.93 25.22 -7.72
CA LEU B 194 23.86 24.24 -7.15
C LEU B 194 24.51 23.35 -8.22
N TYR B 195 24.03 23.40 -9.47
CA TYR B 195 24.57 22.59 -10.53
C TYR B 195 25.87 23.21 -11.01
N ASP B 196 26.95 22.43 -10.89
CA ASP B 196 28.28 22.77 -11.35
C ASP B 196 28.49 22.12 -12.70
N LYS B 197 28.37 22.91 -13.78
CA LYS B 197 28.38 22.40 -15.15
C LYS B 197 29.68 21.68 -15.50
N ASP B 198 30.81 22.09 -14.91
CA ASP B 198 32.13 21.57 -15.29
C ASP B 198 32.36 20.15 -14.75
N ARG B 199 32.14 19.94 -13.45
CA ARG B 199 32.31 18.64 -12.82
C ARG B 199 31.04 17.79 -12.93
N GLY B 200 29.95 18.38 -13.42
CA GLY B 200 28.72 17.61 -13.62
C GLY B 200 28.11 17.03 -12.33
N LEU B 201 28.45 17.55 -11.14
CA LEU B 201 27.80 17.13 -9.90
C LEU B 201 27.17 18.35 -9.25
N LEU B 202 26.50 18.14 -8.12
CA LEU B 202 25.89 19.22 -7.37
C LEU B 202 26.87 19.67 -6.29
N TRP B 203 26.97 20.99 -6.11
CA TRP B 203 27.64 21.54 -4.94
C TRP B 203 26.85 21.13 -3.70
N GLY B 204 27.52 21.11 -2.55
CA GLY B 204 26.94 20.65 -1.30
C GLY B 204 25.85 21.60 -0.77
N GLY B 205 25.90 22.87 -1.18
CA GLY B 205 24.98 23.88 -0.67
C GLY B 205 25.59 25.29 -0.72
N TRP B 206 24.91 26.25 -0.06
CA TRP B 206 25.38 27.61 0.13
C TRP B 206 25.72 27.88 1.60
N GLN B 207 26.72 28.72 1.84
CA GLN B 207 27.19 29.12 3.17
C GLN B 207 27.55 30.60 3.14
N ASN B 208 26.89 31.42 3.96
CA ASN B 208 27.17 32.86 3.94
C ASN B 208 27.40 33.38 2.52
N GLY B 209 26.54 32.99 1.57
CA GLY B 209 26.55 33.59 0.25
C GLY B 209 27.66 33.10 -0.67
N GLU B 210 28.47 32.13 -0.24
CA GLU B 210 29.43 31.49 -1.14
C GLU B 210 29.12 29.99 -1.23
N LEU B 211 29.31 29.39 -2.42
CA LEU B 211 29.14 27.95 -2.61
C LEU B 211 30.00 27.15 -1.63
N ILE B 212 29.40 26.11 -1.02
CA ILE B 212 30.15 25.18 -0.17
C ILE B 212 31.08 24.35 -1.07
N GLU B 213 32.25 23.97 -0.52
CA GLU B 213 33.39 23.60 -1.33
C GLU B 213 33.31 22.13 -1.78
N TYR B 214 32.70 21.26 -0.95
CA TYR B 214 32.59 19.84 -1.29
C TYR B 214 31.47 19.66 -2.33
N HIS B 215 31.45 18.47 -2.95
CA HIS B 215 30.45 18.07 -3.91
C HIS B 215 29.73 16.80 -3.41
N VAL B 216 28.47 16.67 -3.86
CA VAL B 216 27.67 15.47 -3.67
C VAL B 216 28.12 14.42 -4.68
N ASP B 217 29.01 13.52 -4.24
CA ASP B 217 29.78 12.68 -5.14
C ASP B 217 29.76 11.21 -4.74
N ARG B 218 28.95 10.82 -3.75
CA ARG B 218 28.87 9.43 -3.29
C ARG B 218 27.41 9.05 -3.07
N LYS B 219 26.99 7.93 -3.72
CA LYS B 219 25.61 7.47 -3.69
C LYS B 219 25.24 6.86 -2.35
N ALA B 220 26.22 6.43 -1.57
CA ALA B 220 25.95 5.70 -0.33
C ALA B 220 25.69 6.65 0.83
N ASN B 221 25.45 7.95 0.55
CA ASN B 221 25.27 8.95 1.59
C ASN B 221 23.90 9.59 1.45
N GLU B 222 23.43 10.25 2.53
CA GLU B 222 22.06 10.77 2.65
C GLU B 222 21.77 11.75 1.51
N SER B 223 22.78 12.52 1.07
CA SER B 223 22.66 13.58 0.08
C SER B 223 22.28 13.10 -1.32
N ARG B 224 22.21 11.78 -1.55
CA ARG B 224 21.87 11.24 -2.86
C ARG B 224 20.46 11.64 -3.29
N LEU B 225 19.55 11.92 -2.34
CA LEU B 225 18.20 12.32 -2.70
C LEU B 225 18.18 13.69 -3.38
N ALA B 226 19.11 14.58 -2.98
CA ALA B 226 19.32 15.86 -3.64
C ALA B 226 19.67 15.67 -5.10
N ALA B 227 20.66 14.82 -5.37
CA ALA B 227 21.12 14.57 -6.72
C ALA B 227 20.02 13.92 -7.53
N LEU B 228 19.18 13.16 -6.81
CA LEU B 228 18.11 12.40 -7.45
C LEU B 228 16.96 13.34 -7.81
N TRP B 229 16.75 14.37 -6.99
CA TRP B 229 15.59 15.21 -7.14
C TRP B 229 15.85 16.34 -8.14
N ALA B 230 17.07 16.84 -8.17
CA ALA B 230 17.39 18.01 -8.98
C ALA B 230 17.05 17.80 -10.46
N PRO B 231 17.35 16.63 -11.08
CA PRO B 231 17.00 16.39 -12.48
C PRO B 231 15.49 16.30 -12.76
N LEU B 232 14.70 16.01 -11.72
CA LEU B 232 13.27 15.90 -11.87
C LEU B 232 12.63 17.29 -11.88
N ILE B 233 12.97 18.13 -10.90
CA ILE B 233 12.29 19.41 -10.76
C ILE B 233 12.71 20.39 -11.87
N THR B 234 13.82 20.11 -12.58
CA THR B 234 14.34 20.96 -13.63
C THR B 234 14.07 20.37 -15.00
N LYS B 235 13.41 19.20 -15.04
CA LYS B 235 13.28 18.47 -16.29
C LYS B 235 12.69 19.38 -17.39
N HIS B 236 11.72 20.21 -17.01
CA HIS B 236 10.90 20.95 -17.95
C HIS B 236 11.65 22.17 -18.50
N LEU B 237 12.95 22.31 -18.22
CA LEU B 237 13.72 23.47 -18.67
C LEU B 237 14.62 23.12 -19.86
N GLY B 238 14.31 22.04 -20.57
CA GLY B 238 14.95 21.74 -21.84
C GLY B 238 16.46 21.64 -21.70
N ALA B 239 17.18 22.26 -22.62
CA ALA B 239 18.63 22.19 -22.65
C ALA B 239 19.25 22.72 -21.36
N GLU B 240 18.48 23.41 -20.51
CA GLU B 240 19.00 23.89 -19.23
C GLU B 240 18.52 23.05 -18.05
N ALA B 241 17.82 21.96 -18.28
CA ALA B 241 17.58 21.03 -17.19
C ALA B 241 18.93 20.58 -16.63
N ILE B 242 18.93 20.25 -15.33
CA ILE B 242 20.03 19.54 -14.70
C ILE B 242 19.96 18.07 -15.13
N PRO B 243 21.04 17.51 -15.70
CA PRO B 243 20.96 16.20 -16.31
C PRO B 243 21.05 15.17 -15.19
N ALA B 244 20.41 14.03 -15.41
CA ALA B 244 20.49 12.84 -14.56
C ALA B 244 21.94 12.53 -14.16
N SER B 245 22.89 12.94 -14.99
CA SER B 245 24.30 12.60 -14.74
C SER B 245 24.73 13.05 -13.32
N VAL B 246 24.01 13.99 -12.69
CA VAL B 246 24.42 14.49 -11.38
C VAL B 246 24.24 13.40 -10.32
N PHE B 247 23.31 12.46 -10.58
CA PHE B 247 23.15 11.27 -9.75
C PHE B 247 24.02 10.11 -10.27
N ASN B 248 23.85 9.81 -11.57
CA ASN B 248 24.43 8.64 -12.20
C ASN B 248 25.95 8.53 -12.03
N ASP B 249 26.68 9.65 -12.01
CA ASP B 249 28.14 9.61 -12.03
C ASP B 249 28.74 9.58 -10.62
N MET B 250 27.94 9.79 -9.57
CA MET B 250 28.40 9.64 -8.20
C MET B 250 28.91 8.21 -8.03
N GLU B 251 30.00 8.05 -7.30
CA GLU B 251 30.65 6.75 -7.18
C GLU B 251 29.97 5.94 -6.08
N THR B 252 30.01 4.61 -6.25
CA THR B 252 29.54 3.65 -5.25
C THR B 252 30.68 2.68 -4.97
N TYR B 253 31.02 2.48 -3.70
CA TYR B 253 32.09 1.58 -3.33
C TYR B 253 31.61 0.57 -2.30
N THR B 254 32.01 -0.68 -2.54
CA THR B 254 31.81 -1.77 -1.62
C THR B 254 33.19 -2.35 -1.32
N VAL B 255 33.22 -3.28 -0.36
CA VAL B 255 34.45 -3.94 0.08
C VAL B 255 34.12 -5.43 0.17
N SER B 256 35.14 -6.30 0.11
CA SER B 256 34.92 -7.74 0.11
C SER B 256 35.44 -8.35 1.40
N TYR B 257 34.52 -8.86 2.23
CA TYR B 257 34.86 -9.49 3.49
C TYR B 257 34.37 -10.93 3.51
N ARG B 258 34.81 -11.69 4.51
CA ARG B 258 34.27 -13.02 4.79
C ARG B 258 34.24 -13.25 6.30
N LEU B 259 33.18 -13.93 6.75
CA LEU B 259 32.98 -14.24 8.16
C LEU B 259 32.05 -15.44 8.24
N ASP B 260 32.33 -16.34 9.20
CA ASP B 260 31.59 -17.57 9.43
C ASP B 260 31.32 -18.32 8.13
N GLY B 261 32.25 -18.24 7.17
CA GLY B 261 32.18 -19.01 5.94
C GLY B 261 31.19 -18.42 4.92
N LYS B 262 30.81 -17.16 5.14
CA LYS B 262 29.93 -16.45 4.23
C LYS B 262 30.70 -15.27 3.65
N ASN B 263 30.49 -15.00 2.37
CA ASN B 263 31.06 -13.82 1.76
C ASN B 263 30.02 -12.71 1.85
N TYR B 264 30.47 -11.53 2.31
CA TYR B 264 29.65 -10.33 2.42
C TYR B 264 30.32 -9.22 1.61
N THR B 265 29.54 -8.46 0.85
CA THR B 265 30.09 -7.38 0.03
C THR B 265 29.41 -6.05 0.38
N PRO B 266 29.60 -5.50 1.61
CA PRO B 266 28.82 -4.35 2.09
C PRO B 266 29.11 -3.04 1.35
N ILE B 267 28.07 -2.20 1.25
CA ILE B 267 28.19 -0.84 0.74
C ILE B 267 28.75 0.05 1.86
N LEU B 268 29.72 0.88 1.49
CA LEU B 268 30.44 1.74 2.42
C LEU B 268 29.87 3.16 2.37
N THR B 269 28.98 3.42 3.33
CA THR B 269 28.74 4.75 3.84
C THR B 269 30.09 5.41 4.12
N TRP B 270 30.17 6.73 4.05
CA TRP B 270 31.43 7.42 4.25
C TRP B 270 31.89 7.34 5.70
N ASP B 271 30.93 7.13 6.60
CA ASP B 271 31.08 7.28 8.04
C ASP B 271 31.12 5.93 8.75
N GLY B 272 30.53 4.93 8.08
CA GLY B 272 30.06 3.70 8.71
C GLY B 272 28.60 3.83 9.12
N ALA B 273 28.17 5.08 9.33
CA ALA B 273 26.89 5.40 9.93
C ALA B 273 25.79 4.77 9.08
N TYR B 274 25.00 3.91 9.71
CA TYR B 274 23.96 3.20 9.00
C TYR B 274 23.04 4.14 8.23
N PHE B 275 22.67 5.30 8.83
CA PHE B 275 21.51 6.04 8.35
C PHE B 275 21.76 6.59 6.94
N GLN B 276 23.04 6.75 6.59
CA GLN B 276 23.42 7.23 5.26
C GLN B 276 23.04 6.22 4.18
N ALA B 277 22.81 4.97 4.59
CA ALA B 277 22.45 3.90 3.67
C ALA B 277 20.94 3.74 3.54
N LEU B 278 20.19 4.00 4.64
CA LEU B 278 18.81 3.59 4.76
C LEU B 278 17.80 4.74 4.88
N LEU B 279 18.22 5.91 5.37
CA LEU B 279 17.32 7.05 5.49
C LEU B 279 16.56 7.24 4.18
N PRO B 280 17.20 7.26 2.99
CA PRO B 280 16.45 7.41 1.74
C PRO B 280 15.35 6.39 1.55
N ALA B 281 15.48 5.22 2.19
CA ALA B 281 14.53 4.12 2.04
C ALA B 281 13.17 4.40 2.69
N ILE B 282 13.10 5.42 3.56
CA ILE B 282 11.81 5.90 4.06
C ILE B 282 11.00 6.51 2.93
N TRP B 283 11.65 7.02 1.85
CA TRP B 283 10.93 7.69 0.78
C TRP B 283 10.93 6.88 -0.51
N LEU B 284 12.02 6.18 -0.84
CA LEU B 284 12.08 5.41 -2.08
C LEU B 284 12.28 3.94 -1.80
N ASN B 285 11.61 3.08 -2.58
CA ASN B 285 11.68 1.64 -2.46
C ASN B 285 12.97 1.15 -3.12
N GLU B 286 14.11 1.56 -2.56
CA GLU B 286 15.43 1.28 -3.11
C GLU B 286 15.67 -0.22 -3.22
N LYS B 287 15.05 -1.01 -2.32
CA LYS B 287 15.24 -2.46 -2.33
C LYS B 287 14.76 -3.04 -3.66
N GLU B 288 13.82 -2.36 -4.33
CA GLU B 288 13.32 -2.77 -5.64
C GLU B 288 13.96 -1.97 -6.78
N LEU B 289 14.38 -0.73 -6.52
CA LEU B 289 14.84 0.17 -7.56
C LEU B 289 16.31 -0.12 -7.87
N VAL B 290 17.10 -0.38 -6.82
CA VAL B 290 18.49 -0.77 -6.97
C VAL B 290 18.54 -2.14 -7.63
N PRO B 291 19.35 -2.34 -8.70
CA PRO B 291 19.46 -3.64 -9.39
C PRO B 291 19.77 -4.83 -8.47
N ASP B 292 20.82 -4.66 -7.66
CA ASP B 292 21.28 -5.66 -6.73
C ASP B 292 21.48 -5.03 -5.36
N TYR B 293 20.56 -5.33 -4.43
CA TYR B 293 20.50 -4.64 -3.16
C TYR B 293 21.44 -5.27 -2.14
N SER B 294 22.14 -6.35 -2.52
CA SER B 294 22.81 -7.18 -1.51
C SER B 294 23.91 -6.42 -0.77
N MET B 295 24.47 -5.36 -1.38
CA MET B 295 25.44 -4.57 -0.64
C MET B 295 24.76 -3.89 0.55
N PHE B 296 23.44 -3.63 0.45
CA PHE B 296 22.72 -2.97 1.53
C PHE B 296 22.32 -3.97 2.61
N GLU B 297 21.92 -5.17 2.16
CA GLU B 297 21.60 -6.27 3.05
C GLU B 297 22.85 -6.64 3.85
N ASP B 298 24.02 -6.58 3.18
CA ASP B 298 25.26 -7.02 3.81
C ASP B 298 25.67 -6.01 4.88
N THR B 299 25.71 -4.73 4.49
CA THR B 299 25.98 -3.68 5.44
C THR B 299 25.04 -3.84 6.62
N THR B 300 23.79 -4.19 6.34
CA THR B 300 22.78 -4.43 7.36
C THR B 300 23.21 -5.59 8.26
N GLN B 301 23.32 -6.80 7.69
CA GLN B 301 23.65 -8.01 8.44
C GLN B 301 24.93 -7.82 9.27
N LEU B 302 25.94 -7.15 8.70
CA LEU B 302 27.15 -6.85 9.45
C LEU B 302 26.85 -5.89 10.61
N GLN B 303 25.98 -4.91 10.35
CA GLN B 303 25.55 -4.00 11.40
C GLN B 303 24.90 -4.81 12.53
N ARG B 304 24.02 -5.76 12.19
CA ARG B 304 23.33 -6.56 13.18
C ARG B 304 24.33 -7.32 14.04
N ILE B 305 25.15 -8.16 13.38
CA ILE B 305 26.12 -9.00 14.05
C ILE B 305 26.88 -8.17 15.08
N TYR B 306 27.48 -7.07 14.62
CA TYR B 306 28.28 -6.19 15.46
C TYR B 306 27.46 -5.67 16.62
N SER B 307 26.13 -5.56 16.41
CA SER B 307 25.22 -5.10 17.44
C SER B 307 25.19 -6.09 18.60
N LYS B 308 24.61 -7.28 18.38
CA LYS B 308 24.49 -8.27 19.43
C LYS B 308 25.79 -8.38 20.22
N ARG B 309 26.93 -8.47 19.53
CA ARG B 309 28.22 -8.59 20.17
C ARG B 309 28.42 -7.56 21.28
N ASN B 310 27.87 -6.35 21.12
CA ASN B 310 28.13 -5.27 22.08
C ASN B 310 26.88 -4.93 22.91
N ASN B 311 25.81 -5.74 22.80
CA ASN B 311 24.61 -5.62 23.63
C ASN B 311 23.99 -4.24 23.43
N MET B 312 23.84 -3.91 22.14
CA MET B 312 23.76 -2.53 21.69
C MET B 312 22.85 -2.49 20.46
N PRO B 313 22.21 -1.35 20.15
CA PRO B 313 21.56 -1.23 18.86
C PRO B 313 22.62 -0.98 17.80
N MET B 314 22.18 -0.88 16.55
CA MET B 314 23.06 -0.62 15.43
C MET B 314 23.69 0.77 15.52
N VAL B 315 24.66 1.05 14.64
CA VAL B 315 25.54 2.20 14.81
C VAL B 315 25.23 3.28 13.74
N SER B 316 24.92 4.48 14.23
CA SER B 316 24.74 5.63 13.37
C SER B 316 24.83 6.91 14.19
N SER B 317 25.04 8.04 13.49
CA SER B 317 25.06 9.37 14.09
C SER B 317 23.97 9.47 15.13
N SER B 318 24.33 9.99 16.31
CA SER B 318 23.45 9.93 17.46
C SER B 318 23.98 10.78 18.61
N ALA B 319 23.09 11.10 19.55
CA ALA B 319 23.49 11.46 20.90
C ALA B 319 24.63 10.54 21.36
N THR B 320 25.57 11.08 22.14
CA THR B 320 26.48 10.25 22.92
C THR B 320 25.82 9.95 24.26
N VAL B 321 26.50 9.14 25.07
CA VAL B 321 25.97 8.66 26.33
C VAL B 321 26.01 9.75 27.39
N ASN B 322 26.92 10.72 27.25
CA ASN B 322 26.98 11.87 28.15
C ASN B 322 26.36 13.10 27.47
N ASP B 323 25.42 12.88 26.55
CA ASP B 323 24.61 13.93 25.95
C ASP B 323 25.46 14.93 25.17
N GLU B 324 26.47 14.43 24.43
CA GLU B 324 27.03 15.12 23.28
C GLU B 324 26.26 14.71 22.02
N TYR B 325 26.67 15.20 20.85
CA TYR B 325 26.25 14.65 19.57
C TYR B 325 27.49 14.40 18.70
N ARG B 326 27.61 13.19 18.14
CA ARG B 326 28.71 12.89 17.23
C ARG B 326 28.33 11.80 16.24
N PRO B 327 28.93 11.82 15.02
CA PRO B 327 28.74 10.74 14.06
C PRO B 327 29.42 9.46 14.49
N PHE B 328 28.65 8.37 14.48
CA PHE B 328 29.14 7.03 14.77
C PHE B 328 28.99 6.18 13.52
N GLY B 329 30.02 5.36 13.27
CA GLY B 329 29.92 4.34 12.26
C GLY B 329 30.84 3.18 12.63
N ILE B 330 30.56 2.00 12.06
CA ILE B 330 31.43 0.86 12.17
C ILE B 330 32.61 1.07 11.22
N PRO B 331 33.86 1.24 11.73
CA PRO B 331 34.98 1.70 10.91
C PRO B 331 35.28 0.87 9.65
N HIS B 332 35.03 -0.46 9.74
CA HIS B 332 35.25 -1.37 8.63
C HIS B 332 34.09 -1.31 7.63
N LEU B 333 33.03 -0.55 7.95
CA LEU B 333 32.01 -0.22 6.97
C LEU B 333 32.20 1.20 6.42
N SER B 334 33.32 1.85 6.78
CA SER B 334 33.55 3.25 6.46
C SER B 334 34.40 3.38 5.21
N GLU B 335 33.88 4.07 4.19
CA GLU B 335 34.67 4.34 3.00
C GLU B 335 35.93 5.12 3.38
N ALA B 336 35.75 6.19 4.16
CA ALA B 336 36.83 7.00 4.71
C ALA B 336 37.99 6.14 5.17
N TRP B 337 37.68 5.18 6.04
CA TRP B 337 38.66 4.26 6.60
C TRP B 337 39.22 3.37 5.49
N VAL B 338 38.35 2.49 4.97
CA VAL B 338 38.74 1.35 4.15
C VAL B 338 39.62 1.79 2.97
N ARG B 339 39.24 2.87 2.30
CA ARG B 339 39.82 3.25 1.02
C ARG B 339 40.75 4.47 1.15
N TYR B 340 40.56 5.30 2.19
CA TYR B 340 41.34 6.53 2.29
C TYR B 340 42.20 6.56 3.57
N ASP B 341 42.21 5.48 4.37
CA ASP B 341 43.12 5.41 5.51
C ASP B 341 42.85 6.56 6.49
N ASP B 342 41.57 6.74 6.84
CA ASP B 342 41.12 7.92 7.58
C ASP B 342 39.99 7.50 8.50
N LYS B 343 40.30 7.18 9.76
CA LYS B 343 39.29 6.90 10.77
C LYS B 343 38.59 8.20 11.14
N ILE B 344 37.24 8.17 11.14
CA ILE B 344 36.43 9.37 11.24
C ILE B 344 35.39 9.22 12.37
N ALA B 345 35.23 8.02 12.93
CA ALA B 345 34.12 7.79 13.83
C ALA B 345 34.49 6.75 14.90
N GLY B 346 33.45 6.06 15.39
CA GLY B 346 33.62 4.88 16.21
C GLY B 346 32.31 4.10 16.27
N GLY B 347 32.38 2.82 16.65
CA GLY B 347 31.20 2.04 16.94
C GLY B 347 31.07 1.75 18.42
N SER B 348 31.32 2.77 19.26
CA SER B 348 31.34 2.67 20.71
C SER B 348 29.94 2.88 21.29
N THR B 349 28.98 3.25 20.45
CA THR B 349 27.64 3.57 20.89
C THR B 349 26.66 3.31 19.75
N GLY B 350 25.55 2.64 20.08
CA GLY B 350 24.47 2.39 19.14
C GLY B 350 23.27 3.26 19.49
N THR B 351 22.25 3.23 18.61
CA THR B 351 21.09 4.08 18.75
C THR B 351 19.88 3.33 18.22
N PRO B 352 18.75 3.28 18.96
CA PRO B 352 17.58 2.49 18.53
C PRO B 352 17.15 2.80 17.10
N HIS B 353 17.25 4.06 16.67
CA HIS B 353 16.78 4.43 15.34
C HIS B 353 17.54 3.62 14.28
N ALA B 354 18.79 3.29 14.54
CA ALA B 354 19.59 2.62 13.53
C ALA B 354 19.09 1.20 13.30
N THR B 355 18.84 0.48 14.41
CA THR B 355 18.18 -0.82 14.37
C THR B 355 16.78 -0.66 13.78
N ALA B 356 16.08 0.43 14.13
CA ALA B 356 14.76 0.66 13.58
C ALA B 356 14.80 0.83 12.05
N LEU B 357 15.75 1.65 11.55
CA LEU B 357 15.95 1.81 10.13
C LEU B 357 16.09 0.47 9.41
N SER B 358 16.60 -0.56 10.12
CA SER B 358 16.88 -1.87 9.52
C SER B 358 15.60 -2.70 9.34
N TYR B 359 14.48 -2.23 9.90
CA TYR B 359 13.18 -2.86 9.65
C TYR B 359 12.83 -2.81 8.17
N MET B 360 13.24 -1.76 7.46
CA MET B 360 12.95 -1.65 6.02
C MET B 360 13.70 -2.70 5.21
N VAL B 361 14.72 -3.37 5.79
CA VAL B 361 15.44 -4.48 5.16
C VAL B 361 14.92 -5.82 5.66
N ASP B 362 15.08 -6.09 6.98
CA ASP B 362 14.69 -7.34 7.64
C ASP B 362 13.77 -7.05 8.82
N PRO B 363 12.45 -6.94 8.58
CA PRO B 363 11.48 -6.60 9.62
C PRO B 363 11.51 -7.43 10.91
N GLU B 364 11.41 -8.75 10.75
CA GLU B 364 11.28 -9.65 11.89
C GLU B 364 12.52 -9.53 12.78
N GLY B 365 13.68 -9.33 12.18
CA GLY B 365 14.94 -9.30 12.93
C GLY B 365 15.19 -7.95 13.60
N ALA B 366 14.59 -6.88 13.06
CA ALA B 366 14.66 -5.59 13.72
C ALA B 366 13.74 -5.59 14.94
N VAL B 367 12.49 -6.04 14.78
CA VAL B 367 11.56 -6.03 15.91
C VAL B 367 12.16 -6.89 17.03
N LYS B 368 12.39 -8.16 16.71
CA LYS B 368 13.09 -9.10 17.56
C LYS B 368 14.31 -8.47 18.24
N SER B 369 15.11 -7.70 17.49
CA SER B 369 16.33 -7.11 18.03
C SER B 369 16.03 -5.89 18.91
N LEU B 370 15.01 -5.10 18.55
CA LEU B 370 14.58 -3.97 19.36
C LEU B 370 13.96 -4.50 20.66
N LYS B 371 13.21 -5.60 20.57
CA LYS B 371 12.60 -6.26 21.72
C LYS B 371 13.66 -6.65 22.74
N SER B 372 14.70 -7.33 22.22
CA SER B 372 15.89 -7.71 22.96
C SER B 372 16.49 -6.54 23.73
N ILE B 373 16.61 -5.38 23.07
CA ILE B 373 17.24 -4.19 23.67
C ILE B 373 16.44 -3.74 24.89
N LYS B 374 15.11 -3.84 24.81
CA LYS B 374 14.22 -3.42 25.88
C LYS B 374 14.35 -4.39 27.07
N ALA B 375 14.33 -5.69 26.78
CA ALA B 375 14.51 -6.74 27.77
C ALA B 375 15.87 -6.59 28.46
N LEU B 376 16.91 -6.21 27.70
CA LEU B 376 18.24 -6.00 28.28
C LEU B 376 18.27 -4.75 29.14
N TYR B 377 17.67 -3.65 28.64
CA TYR B 377 17.76 -2.35 29.30
C TYR B 377 16.36 -1.77 29.44
N PRO B 378 15.66 -1.99 30.57
CA PRO B 378 14.25 -1.59 30.70
C PRO B 378 14.08 -0.08 30.89
N ALA B 379 15.11 0.60 31.41
CA ALA B 379 15.08 2.02 31.70
C ALA B 379 15.22 2.86 30.42
N ILE B 380 15.19 2.21 29.25
CA ILE B 380 15.41 2.89 27.99
C ILE B 380 14.13 3.63 27.58
N GLU B 381 12.98 3.16 28.08
CA GLU B 381 11.71 3.74 27.74
C GLU B 381 11.53 5.02 28.55
N THR B 382 10.96 6.05 27.88
CA THR B 382 10.31 7.18 28.51
C THR B 382 8.92 7.29 27.88
N SER B 383 8.16 8.30 28.28
CA SER B 383 6.90 8.61 27.63
C SER B 383 7.12 9.53 26.42
N TYR B 384 8.37 9.94 26.19
CA TYR B 384 8.70 10.74 25.03
C TYR B 384 9.24 9.86 23.90
N GLY B 385 9.46 8.56 24.20
CA GLY B 385 10.14 7.65 23.29
C GLY B 385 11.36 7.02 23.95
N TRP B 386 12.15 6.22 23.19
CA TRP B 386 13.34 5.58 23.74
C TRP B 386 14.52 6.55 23.69
N TYR B 387 15.37 6.44 24.71
CA TYR B 387 16.64 7.16 24.77
C TYR B 387 17.47 6.86 23.53
N ASP B 388 18.15 7.89 23.03
CA ASP B 388 18.73 7.85 21.69
C ASP B 388 20.04 7.08 21.64
N ALA B 389 20.80 7.07 22.74
CA ALA B 389 22.10 6.40 22.74
C ALA B 389 22.14 5.32 23.82
N VAL B 390 22.69 4.16 23.45
CA VAL B 390 22.82 3.01 24.33
C VAL B 390 24.22 2.45 24.17
N ASP B 391 24.98 2.47 25.26
CA ASP B 391 26.36 2.03 25.28
C ASP B 391 26.45 0.51 25.21
N SER B 392 27.68 -0.01 25.21
CA SER B 392 27.94 -1.41 25.51
C SER B 392 28.06 -1.60 27.02
N LYS B 393 28.67 -0.59 27.69
CA LYS B 393 28.75 -0.49 29.13
C LYS B 393 27.38 -0.17 29.73
N GLY B 394 26.38 0.00 28.86
CA GLY B 394 24.98 0.16 29.26
C GLY B 394 24.59 1.62 29.44
N ARG B 395 25.57 2.50 29.68
CA ARG B 395 25.29 3.89 29.98
C ARG B 395 24.45 4.48 28.85
N MET B 396 23.52 5.38 29.22
CA MET B 396 22.51 5.85 28.31
C MET B 396 22.58 7.36 28.19
N SER B 397 22.00 7.86 27.10
CA SER B 397 21.75 9.27 26.89
C SER B 397 20.56 9.69 27.72
N THR B 398 20.43 11.01 27.94
CA THR B 398 19.16 11.57 28.37
C THR B 398 18.50 12.27 27.19
N LYS B 399 19.28 12.54 26.13
CA LYS B 399 18.78 13.19 24.92
C LYS B 399 17.87 12.22 24.17
N ILE B 400 16.74 12.75 23.65
CA ILE B 400 15.98 12.15 22.57
C ILE B 400 15.85 13.19 21.45
N LEU B 401 15.91 12.71 20.20
CA LEU B 401 16.19 13.54 19.04
C LEU B 401 15.11 13.37 18.00
N SER B 402 14.56 14.48 17.50
CA SER B 402 13.46 14.44 16.55
C SER B 402 13.90 13.69 15.29
N LEU B 403 15.12 13.93 14.85
CA LEU B 403 15.62 13.29 13.65
C LEU B 403 15.54 11.77 13.79
N ASP B 404 15.95 11.27 14.96
CA ASP B 404 16.06 9.84 15.21
C ASP B 404 14.68 9.22 15.37
N GLN B 405 13.76 9.89 16.06
CA GLN B 405 12.41 9.35 16.23
C GLN B 405 11.67 9.36 14.90
N GLY B 406 11.89 10.39 14.09
CA GLY B 406 11.30 10.43 12.75
C GLY B 406 11.77 9.23 11.92
N MET B 407 13.08 8.97 11.98
CA MET B 407 13.69 7.83 11.32
C MET B 407 13.16 6.51 11.89
N PHE B 408 13.10 6.41 13.23
CA PHE B 408 12.55 5.22 13.90
C PHE B 408 11.14 4.92 13.41
N VAL B 409 10.25 5.91 13.51
CA VAL B 409 8.86 5.68 13.19
C VAL B 409 8.70 5.52 11.68
N GLY B 410 9.36 6.39 10.91
CA GLY B 410 9.24 6.37 9.46
C GLY B 410 9.53 4.99 8.91
N ALA B 411 10.59 4.37 9.47
CA ALA B 411 10.96 3.02 9.12
C ALA B 411 9.73 2.11 9.07
N PHE B 412 8.86 2.16 10.08
CA PHE B 412 7.72 1.25 10.13
C PHE B 412 6.62 1.67 9.16
N LEU B 413 6.72 2.91 8.65
CA LEU B 413 5.73 3.43 7.73
C LEU B 413 6.25 3.35 6.30
N ALA B 414 7.50 2.95 6.12
CA ALA B 414 8.16 3.07 4.82
C ALA B 414 7.39 2.42 3.67
N GLU B 415 6.56 1.43 3.96
CA GLU B 415 5.87 0.80 2.85
C GLU B 415 4.87 1.76 2.21
N SER B 416 4.09 2.45 3.05
CA SER B 416 3.07 3.37 2.58
C SER B 416 3.66 4.68 2.08
N ILE B 417 4.76 5.15 2.70
CA ILE B 417 5.42 6.38 2.27
C ILE B 417 5.96 6.17 0.86
N ASN B 418 6.61 5.01 0.64
CA ASN B 418 7.17 4.59 -0.63
C ASN B 418 6.11 4.54 -1.72
N ALA B 419 4.95 3.99 -1.35
CA ALA B 419 3.83 3.87 -2.28
C ALA B 419 3.36 5.26 -2.67
N ASP B 420 3.27 6.18 -1.69
CA ASP B 420 2.76 7.53 -1.93
C ASP B 420 3.73 8.34 -2.80
N VAL B 421 5.04 8.10 -2.63
CA VAL B 421 6.07 8.80 -3.39
C VAL B 421 5.95 8.38 -4.84
N GLU B 422 5.81 7.05 -5.04
CA GLU B 422 5.71 6.48 -6.37
C GLU B 422 4.47 7.02 -7.09
N ARG B 423 3.40 7.30 -6.36
CA ARG B 423 2.23 7.88 -6.99
C ARG B 423 2.55 9.28 -7.48
N TYR B 424 3.24 10.07 -6.66
CA TYR B 424 3.55 11.43 -7.04
C TYR B 424 4.42 11.37 -8.28
N LEU B 425 5.42 10.51 -8.24
CA LEU B 425 6.36 10.40 -9.34
C LEU B 425 5.61 10.00 -10.61
N ARG B 426 4.75 8.97 -10.53
CA ARG B 426 3.99 8.59 -11.72
C ARG B 426 3.19 9.80 -12.20
N ALA B 427 2.42 10.38 -11.29
CA ALA B 427 1.53 11.48 -11.62
C ALA B 427 2.25 12.65 -12.31
N ARG B 428 3.52 12.93 -11.96
CA ARG B 428 4.26 14.03 -12.56
C ARG B 428 5.17 13.58 -13.71
N GLY B 429 5.28 12.28 -13.99
CA GLY B 429 6.07 11.80 -15.11
C GLY B 429 7.55 11.72 -14.77
N TYR B 430 7.86 11.32 -13.53
CA TYR B 430 9.24 11.32 -13.04
C TYR B 430 9.73 9.91 -12.81
N TRP B 431 8.80 8.94 -12.76
CA TRP B 431 9.11 7.60 -12.30
C TRP B 431 10.09 6.89 -13.22
N ASP B 432 9.88 7.03 -14.53
CA ASP B 432 10.79 6.51 -15.55
C ASP B 432 12.18 7.09 -15.37
N ASP B 433 12.27 8.39 -15.03
CA ASP B 433 13.56 9.03 -14.80
C ASP B 433 14.18 8.50 -13.51
N VAL B 434 13.37 8.23 -12.48
CA VAL B 434 13.90 7.69 -11.24
C VAL B 434 14.40 6.26 -11.45
N LYS B 435 13.58 5.41 -12.12
CA LYS B 435 13.97 4.05 -12.43
C LYS B 435 15.28 4.04 -13.22
N SER B 436 15.31 4.81 -14.29
CA SER B 436 16.47 4.91 -15.17
C SER B 436 17.74 5.29 -14.39
N MET B 437 17.65 6.32 -13.55
CA MET B 437 18.80 6.76 -12.77
C MET B 437 19.28 5.71 -11.76
N TYR B 438 18.36 4.90 -11.18
CA TYR B 438 18.72 3.91 -10.18
C TYR B 438 19.48 2.75 -10.79
N LEU B 439 19.41 2.60 -12.13
CA LEU B 439 20.16 1.56 -12.84
C LEU B 439 21.66 1.86 -12.76
N SER B 440 22.02 3.08 -12.39
CA SER B 440 23.42 3.44 -12.25
C SER B 440 23.92 3.12 -10.85
N PHE B 441 23.03 2.71 -9.94
CA PHE B 441 23.38 2.55 -8.55
C PHE B 441 24.04 1.19 -8.36
N LYS B 442 25.25 1.03 -8.89
CA LYS B 442 25.99 -0.23 -8.81
C LYS B 442 27.43 0.03 -8.40
N ASP B 443 28.06 -0.95 -7.71
CA ASP B 443 29.44 -0.84 -7.28
C ASP B 443 30.33 -0.41 -8.44
N ASP B 444 31.19 0.59 -8.20
CA ASP B 444 32.06 1.18 -9.20
C ASP B 444 33.47 0.57 -9.08
#